data_9L74
#
_entry.id   9L74
#
_cell.length_a   1.00
_cell.length_b   1.00
_cell.length_c   1.00
_cell.angle_alpha   90.00
_cell.angle_beta   90.00
_cell.angle_gamma   90.00
#
_symmetry.space_group_name_H-M   'P 1'
#
loop_
_entity.id
_entity.type
_entity.pdbx_description
1 polymer 'Engineered G-alpha-q'
2 polymer 'Guanine nucleotide-binding protein G(I)/G(S)/G(T) subunit beta-1'
3 polymer scFv16
4 polymer 'Guanine nucleotide-binding protein G(I)/G(S)/G(O) subunit gamma-2'
5 polymer Nb35
6 polymer 'Sphingosine 1-phosphate receptor 3'
7 non-polymer '[(~{Z},2~{R},3~{S})-2-azanyl-3-oxidanyl-hexadec-4-enyl] dihydrogen phosphate'
#
loop_
_entity_poly.entity_id
_entity_poly.type
_entity_poly.pdbx_seq_one_letter_code
_entity_poly.pdbx_strand_id
1 'polypeptide(L)'
;SVSAEDKAAAERSKMIDKNLREDGEKARRTLRLLLLGADNSGKSTIVKQMRILHGGSGGSGGTSGIFETKFQVDKVNFHM
FDVGGQRDERRKWIQCFNDVTAIIFVVDSSDYNRLQEALNDFKSIWNNRWLRTISVILFLNKQDLLAEKVLAGKSKIEDY
FPEFARYTTPEDATPEPGEDPRVTRAKYFIRKEFVDISTASGDGRHICYPHFTCAVDTENARRIFNDCKDIILQMNLKEY
NLV
;
A
2 'polypeptide(L)'
;MHHHHHHLEVLFQGPGSSGSELDQLRQEAEQLKNQIRDARKACADATLSQITNNIDPVGRIQMRTRRTLRGHLAKIYAMH
WGTDSRLLVSASQDGKLIIWDSYTTNKVHAIPLRSSWVMTCAYAPSGNYVACGGLDNICSIYNLKTREGNVRVSRELAGH
TGYLSCCRFLDDNQIVTSSGDTTCALWDIETGQQTTTFTGHTGDVMSLSLAPDTRLFVSGACDASAKLWDVREGMCRQTF
TGHESDINAICFFPNGNAFATGSDDATCRLFDLRADQELMTYSHDNIICGITSVSFSKSGRLLLAGYDDFNCNVWDALKA
DRAGVLAGHDNRVSCLGVTDDGMAVATGSWDSFLKIWN
;
B
3 'polypeptide(L)'
;DVQLVESGGGLVQPGGSRKLSCSASGFAFSSFGMHWVRQAPEKGLEWVAYISSGSGTIYYADTVKGRFTISRDDPKNTLF
LQMTSLRSEDTAMYYCVRSIYYYGSSPFDFWGQGTTLTVSSGGGGSGGGGSGGGGSDIVMTQATSSVPVTPGESVSISCR
SSKSLLHSNGNTYLYWFLQRPGQSPQLLIYRMSNLASGVPDRFSGSGSGTAFTLTISRLEAEDVGVYYCMQHLEYPLTFG
AGTKLELKAAAHHHHHHHH
;
C
4 'polypeptide(L)' MASNNTASIAQARKLVEQLKMEANIDRIKVSKAAADLMAYCEAHAKEDPLLTPVPASENPFREKKFFCAIL G
5 'polypeptide(L)'
;MQVQLQESGGGLVQPGGSLRLSCAASGFTFSNYKMNWVRQAPGKGLEWVSDISQSGASISYTGSVKGRFTISRDNAKNTL
YLQMNSLKPEDTAVYYCARCPAPFTRDCFDVTSTTYAYRGQGTQVTVSS
;
N
6 'polypeptide(L)'
;DYKDDDDKGSHHHHHHHHGSLEVLFQGPATALPPRLQPVRGQETLREHYQYVGKLAGRLKEASEGSTLTTVLFLVICSFI
VLENLMVLIAIWKNNKFHNRMYFFIGNLALCDLLAGIAYKVNILMSGKKTFSLSPTVWFLREGSMFVALGASTCSLLAIA
IERHLTMIKMRPYDANKRHRVFLLIGMCWLIAFTLGALPILGWNCLHNLPDCSTILPLYSKKYIAFCISIFTAILVTIVI
LYARIYFLVKSSSRKVANHNNSERSMALLRTVVIVVSVFIACWSPLFILFLIDVACRVQACPILFKAQWFIVLAVLNSAM
NPVIYTLASKEMRRAFFRLVCN
;
R
#
loop_
_chem_comp.id
_chem_comp.type
_chem_comp.name
_chem_comp.formula
A1L69 non-polymer '[(~{Z},2~{R},3~{S})-2-azanyl-3-oxidanyl-hexadec-4-enyl] dihydrogen phosphate' 'C16 H34 N O5 P'
#
# COMPACT_ATOMS: atom_id res chain seq x y z
N SER A 1 5.22 28.97 -17.52
CA SER A 1 5.22 29.12 -16.08
C SER A 1 3.96 28.49 -15.46
N VAL A 2 3.76 28.73 -14.17
CA VAL A 2 2.60 28.22 -13.44
C VAL A 2 1.90 29.39 -12.77
N SER A 3 0.58 29.42 -12.89
CA SER A 3 -0.21 30.51 -12.33
C SER A 3 -0.18 30.47 -10.80
N ALA A 4 -0.67 31.54 -10.19
CA ALA A 4 -0.60 31.67 -8.73
C ALA A 4 -1.40 30.57 -8.03
N GLU A 5 -2.57 30.24 -8.56
CA GLU A 5 -3.40 29.21 -7.94
C GLU A 5 -2.71 27.86 -7.96
N ASP A 6 -2.04 27.53 -9.06
CA ASP A 6 -1.31 26.26 -9.13
C ASP A 6 -0.18 26.21 -8.11
N LYS A 7 0.55 27.32 -7.94
CA LYS A 7 1.62 27.37 -6.96
C LYS A 7 1.08 27.21 -5.54
N ALA A 8 -0.05 27.87 -5.24
CA ALA A 8 -0.66 27.71 -3.93
C ALA A 8 -1.11 26.28 -3.71
N ALA A 9 -1.66 25.64 -4.74
CA ALA A 9 -2.06 24.24 -4.63
C ALA A 9 -0.86 23.34 -4.36
N ALA A 10 0.27 23.61 -5.03
CA ALA A 10 1.48 22.84 -4.78
C ALA A 10 1.98 23.03 -3.35
N GLU A 11 1.92 24.26 -2.85
CA GLU A 11 2.31 24.51 -1.47
C GLU A 11 1.41 23.75 -0.49
N ARG A 12 0.10 23.75 -0.75
CA ARG A 12 -0.81 22.99 0.10
C ARG A 12 -0.52 21.50 0.05
N SER A 13 -0.19 20.99 -1.15
CA SER A 13 0.17 19.58 -1.27
C SER A 13 1.42 19.25 -0.47
N LYS A 14 2.42 20.12 -0.51
CA LYS A 14 3.64 19.89 0.28
C LYS A 14 3.32 19.90 1.77
N MET A 15 2.48 20.84 2.23
CA MET A 15 2.10 20.86 3.64
C MET A 15 1.36 19.59 4.03
N ILE A 16 0.46 19.11 3.16
CA ILE A 16 -0.29 17.90 3.43
C ILE A 16 0.66 16.70 3.54
N ASP A 17 1.63 16.61 2.63
CA ASP A 17 2.59 15.53 2.69
C ASP A 17 3.41 15.57 3.98
N LYS A 18 3.85 16.77 4.38
CA LYS A 18 4.61 16.89 5.62
C LYS A 18 3.79 16.43 6.82
N ASN A 19 2.53 16.89 6.90
CA ASN A 19 1.70 16.51 8.04
C ASN A 19 1.40 15.01 8.04
N LEU A 20 1.13 14.43 6.86
CA LEU A 20 0.86 13.01 6.76
C LEU A 20 2.07 12.19 7.20
N ARG A 21 3.27 12.57 6.75
CA ARG A 21 4.47 11.86 7.16
C ARG A 21 4.72 11.98 8.65
N GLU A 22 4.52 13.18 9.21
CA GLU A 22 4.73 13.36 10.64
C GLU A 22 3.74 12.53 11.46
N ASP A 23 2.49 12.45 10.99
CA ASP A 23 1.51 11.63 11.68
C ASP A 23 1.85 10.14 11.58
N GLY A 24 2.28 9.69 10.39
CA GLY A 24 2.62 8.30 10.21
C GLY A 24 3.91 7.88 10.87
N GLU A 25 4.75 8.85 11.25
CA GLU A 25 5.98 8.52 11.98
C GLU A 25 5.69 7.85 13.31
N LYS A 26 4.51 8.10 13.89
CA LYS A 26 4.14 7.50 15.17
C LYS A 26 3.55 6.10 15.03
N ALA A 27 3.45 5.57 13.81
CA ALA A 27 2.93 4.23 13.60
C ALA A 27 3.95 3.14 13.87
N ARG A 28 5.21 3.49 14.15
CA ARG A 28 6.23 2.50 14.42
C ARG A 28 6.42 2.24 15.91
N ARG A 29 6.04 3.18 16.78
CA ARG A 29 6.21 2.97 18.22
C ARG A 29 5.34 1.82 18.71
N THR A 30 4.09 1.74 18.24
CA THR A 30 3.19 0.69 18.67
C THR A 30 3.43 -0.57 17.84
N LEU A 31 3.53 -1.71 18.51
CA LEU A 31 3.70 -3.00 17.86
C LEU A 31 2.38 -3.76 17.91
N ARG A 32 1.94 -4.25 16.76
CA ARG A 32 0.64 -4.88 16.62
C ARG A 32 0.77 -6.39 16.68
N LEU A 33 -0.07 -7.03 17.50
CA LEU A 33 -0.11 -8.47 17.66
C LEU A 33 -1.54 -8.96 17.49
N LEU A 34 -1.71 -10.04 16.74
CA LEU A 34 -3.01 -10.66 16.60
C LEU A 34 -3.17 -11.75 17.65
N LEU A 35 -4.41 -12.02 18.06
CA LEU A 35 -4.70 -13.09 19.01
C LEU A 35 -5.60 -14.12 18.36
N LEU A 36 -5.26 -15.40 18.55
CA LEU A 36 -6.09 -16.50 18.08
C LEU A 36 -6.16 -17.58 19.16
N GLY A 37 -7.28 -18.27 19.22
CA GLY A 37 -7.45 -19.30 20.23
C GLY A 37 -8.80 -19.97 20.11
N ALA A 38 -9.03 -20.89 21.03
CA ALA A 38 -10.27 -21.66 21.08
C ALA A 38 -11.25 -21.01 22.05
N ASP A 39 -12.54 -21.37 21.88
CA ASP A 39 -13.58 -20.77 22.69
C ASP A 39 -13.44 -21.14 24.17
N ASN A 40 -13.13 -22.41 24.45
CA ASN A 40 -13.01 -22.83 25.84
C ASN A 40 -11.70 -22.34 26.46
N SER A 41 -10.62 -22.35 25.69
CA SER A 41 -9.33 -21.88 26.19
C SER A 41 -9.38 -20.37 26.43
N GLY A 42 -8.80 -19.95 27.55
CA GLY A 42 -8.78 -18.55 27.89
C GLY A 42 -8.06 -17.69 26.87
N LYS A 43 -8.71 -16.61 26.43
CA LYS A 43 -8.12 -15.68 25.48
C LYS A 43 -7.89 -14.29 26.05
N SER A 44 -8.70 -13.86 27.01
CA SER A 44 -8.56 -12.55 27.62
C SER A 44 -7.89 -12.61 28.99
N THR A 45 -7.36 -13.77 29.38
CA THR A 45 -6.73 -13.94 30.68
C THR A 45 -5.23 -14.15 30.63
N ILE A 46 -4.67 -14.42 29.45
CA ILE A 46 -3.22 -14.62 29.35
C ILE A 46 -2.48 -13.34 29.72
N VAL A 47 -2.95 -12.20 29.24
CA VAL A 47 -2.35 -10.90 29.55
C VAL A 47 -3.26 -10.19 30.53
N LYS A 48 -2.78 -9.99 31.75
CA LYS A 48 -3.60 -9.40 32.79
C LYS A 48 -3.92 -7.95 32.47
N GLN A 49 -5.16 -7.55 32.76
CA GLN A 49 -5.64 -6.19 32.52
C GLN A 49 -5.44 -5.75 31.08
N SER A 64 -17.58 -8.97 13.12
CA SER A 64 -18.25 -7.72 13.48
C SER A 64 -17.29 -6.85 14.28
N GLY A 65 -17.26 -7.08 15.59
CA GLY A 65 -16.44 -6.28 16.47
C GLY A 65 -14.97 -6.64 16.37
N ILE A 66 -14.14 -5.78 16.93
CA ILE A 66 -12.71 -6.01 17.06
C ILE A 66 -12.28 -5.56 18.44
N PHE A 67 -12.13 -6.51 19.36
CA PHE A 67 -11.62 -6.21 20.69
C PHE A 67 -10.14 -5.81 20.60
N GLU A 68 -9.76 -4.79 21.34
CA GLU A 68 -8.40 -4.29 21.33
C GLU A 68 -7.88 -4.14 22.75
N THR A 69 -6.63 -4.55 22.96
CA THR A 69 -5.96 -4.40 24.24
C THR A 69 -4.67 -3.63 24.05
N LYS A 70 -4.43 -2.64 24.91
CA LYS A 70 -3.22 -1.84 24.85
C LYS A 70 -2.47 -2.02 26.16
N PHE A 71 -1.17 -2.30 26.07
CA PHE A 71 -0.35 -2.34 27.28
C PHE A 71 1.05 -1.82 26.96
N GLN A 72 1.80 -1.54 28.03
CA GLN A 72 3.11 -0.90 27.91
C GLN A 72 4.11 -1.68 28.75
N VAL A 73 5.18 -2.17 28.12
CA VAL A 73 6.25 -2.90 28.80
C VAL A 73 7.56 -2.24 28.43
N ASP A 74 8.29 -1.77 29.44
CA ASP A 74 9.62 -1.19 29.29
C ASP A 74 9.65 -0.13 28.19
N LYS A 75 8.70 0.81 28.28
CA LYS A 75 8.60 1.93 27.35
C LYS A 75 8.34 1.47 25.92
N VAL A 76 7.70 0.31 25.76
CA VAL A 76 7.30 -0.19 24.45
C VAL A 76 5.80 -0.47 24.49
N ASN A 77 5.07 0.02 23.50
CA ASN A 77 3.61 -0.04 23.49
C ASN A 77 3.15 -1.18 22.57
N PHE A 78 2.39 -2.12 23.13
CA PHE A 78 1.84 -3.24 22.40
C PHE A 78 0.33 -3.10 22.26
N HIS A 79 -0.16 -3.38 21.07
CA HIS A 79 -1.58 -3.27 20.70
C HIS A 79 -2.01 -4.60 20.13
N MET A 80 -3.01 -5.23 20.74
CA MET A 80 -3.42 -6.58 20.41
C MET A 80 -4.86 -6.59 19.91
N PHE A 81 -5.07 -7.23 18.76
CA PHE A 81 -6.37 -7.32 18.11
C PHE A 81 -6.94 -8.72 18.27
N ASP A 82 -8.22 -8.79 18.65
CA ASP A 82 -8.97 -10.03 18.68
C ASP A 82 -10.25 -9.85 17.88
N VAL A 83 -10.43 -10.66 16.85
CA VAL A 83 -11.55 -10.52 15.92
C VAL A 83 -12.68 -11.42 16.37
N GLY A 84 -13.85 -10.85 16.58
CA GLY A 84 -15.03 -11.61 16.98
C GLY A 84 -16.28 -11.01 16.38
N GLY A 85 -17.29 -11.87 16.19
CA GLY A 85 -18.53 -11.47 15.58
C GLY A 85 -18.61 -11.70 14.09
N GLN A 86 -17.58 -12.30 13.49
CA GLN A 86 -17.58 -12.63 12.08
C GLN A 86 -18.16 -14.03 11.89
N ARG A 87 -18.03 -14.57 10.69
CA ARG A 87 -18.53 -15.91 10.38
C ARG A 87 -17.42 -16.95 10.55
N ASP A 88 -17.80 -18.22 10.43
CA ASP A 88 -16.85 -19.31 10.61
C ASP A 88 -15.77 -19.31 9.54
N GLU A 89 -16.14 -19.09 8.29
CA GLU A 89 -15.18 -19.11 7.20
C GLU A 89 -14.25 -17.91 7.29
N ARG A 90 -12.96 -18.18 7.51
CA ARG A 90 -11.98 -17.13 7.76
C ARG A 90 -10.81 -17.19 6.80
N ARG A 91 -11.06 -17.58 5.55
CA ARG A 91 -10.02 -17.61 4.54
C ARG A 91 -9.95 -16.33 3.72
N LYS A 92 -10.76 -15.32 4.04
CA LYS A 92 -10.79 -14.08 3.28
C LYS A 92 -10.45 -12.84 4.09
N TRP A 93 -10.93 -12.74 5.33
CA TRP A 93 -10.63 -11.57 6.14
C TRP A 93 -9.32 -11.69 6.91
N ILE A 94 -8.64 -12.84 6.83
CA ILE A 94 -7.34 -12.99 7.50
C ILE A 94 -6.21 -12.49 6.63
N GLN A 95 -6.45 -12.19 5.35
CA GLN A 95 -5.41 -11.65 4.50
C GLN A 95 -5.02 -10.23 4.89
N CYS A 96 -5.91 -9.50 5.58
CA CYS A 96 -5.57 -8.15 6.02
C CYS A 96 -4.43 -8.17 7.02
N PHE A 97 -4.43 -9.14 7.93
CA PHE A 97 -3.39 -9.25 8.96
C PHE A 97 -2.14 -9.89 8.34
N ASN A 98 -1.51 -9.12 7.45
CA ASN A 98 -0.31 -9.57 6.77
C ASN A 98 0.96 -8.90 7.29
N ASP A 99 0.84 -7.72 7.90
CA ASP A 99 2.00 -6.97 8.38
C ASP A 99 2.11 -6.98 9.91
N VAL A 100 1.31 -7.80 10.60
CA VAL A 100 1.39 -7.83 12.06
C VAL A 100 2.72 -8.43 12.49
N THR A 101 3.18 -8.02 13.67
CA THR A 101 4.46 -8.50 14.18
C THR A 101 4.39 -9.97 14.57
N ALA A 102 3.32 -10.39 15.24
CA ALA A 102 3.22 -11.76 15.71
C ALA A 102 1.75 -12.17 15.82
N ILE A 103 1.54 -13.48 15.82
CA ILE A 103 0.21 -14.08 15.94
C ILE A 103 0.24 -14.95 17.19
N ILE A 104 -0.16 -14.38 18.32
CA ILE A 104 -0.24 -15.16 19.55
C ILE A 104 -1.31 -16.24 19.39
N PHE A 105 -0.96 -17.47 19.73
CA PHE A 105 -1.84 -18.62 19.57
C PHE A 105 -2.02 -19.25 20.95
N VAL A 106 -3.28 -19.40 21.38
CA VAL A 106 -3.59 -19.95 22.70
C VAL A 106 -4.44 -21.19 22.51
N VAL A 107 -3.98 -22.31 23.08
CA VAL A 107 -4.74 -23.56 23.03
C VAL A 107 -5.02 -24.03 24.44
N ASP A 108 -5.70 -25.16 24.56
CA ASP A 108 -5.99 -25.78 25.85
C ASP A 108 -5.29 -27.13 25.92
N SER A 109 -4.54 -27.35 27.00
CA SER A 109 -3.79 -28.59 27.19
C SER A 109 -4.43 -29.50 28.23
N SER A 110 -5.69 -29.26 28.58
CA SER A 110 -6.38 -30.07 29.56
C SER A 110 -7.64 -30.75 29.01
N ASP A 111 -7.92 -30.58 27.71
CA ASP A 111 -9.09 -31.18 27.08
C ASP A 111 -8.62 -31.97 25.87
N TYR A 112 -8.43 -33.27 26.05
CA TYR A 112 -7.87 -34.09 24.98
C TYR A 112 -8.81 -34.18 23.78
N ASN A 113 -10.11 -34.30 24.03
CA ASN A 113 -11.05 -34.62 22.97
C ASN A 113 -11.03 -33.59 21.85
N ARG A 114 -10.98 -32.30 22.21
CA ARG A 114 -10.92 -31.24 21.22
C ARG A 114 -9.50 -30.92 20.79
N LEU A 115 -8.49 -31.47 21.47
CA LEU A 115 -7.11 -31.06 21.22
C LEU A 115 -6.69 -31.38 19.79
N GLN A 116 -7.15 -32.51 19.25
CA GLN A 116 -6.81 -32.88 17.89
C GLN A 116 -7.27 -31.83 16.89
N GLU A 117 -8.34 -31.09 17.21
CA GLU A 117 -8.77 -30.00 16.34
C GLU A 117 -7.75 -28.87 16.35
N ALA A 118 -7.19 -28.55 17.52
CA ALA A 118 -6.33 -27.39 17.65
C ALA A 118 -5.10 -27.50 16.75
N LEU A 119 -4.51 -28.70 16.67
CA LEU A 119 -3.36 -28.89 15.80
C LEU A 119 -3.65 -28.46 14.38
N ASN A 120 -4.87 -28.74 13.89
CA ASN A 120 -5.23 -28.33 12.54
C ASN A 120 -5.17 -26.81 12.41
N ASP A 121 -5.71 -26.08 13.40
CA ASP A 121 -5.63 -24.63 13.37
C ASP A 121 -4.19 -24.14 13.40
N PHE A 122 -3.25 -24.98 13.88
CA PHE A 122 -1.85 -24.61 13.80
C PHE A 122 -1.24 -24.91 12.44
N LYS A 123 -1.71 -25.97 11.78
CA LYS A 123 -1.09 -26.37 10.52
C LYS A 123 -1.52 -25.46 9.38
N SER A 124 -2.82 -25.22 9.25
CA SER A 124 -3.33 -24.41 8.14
C SER A 124 -2.76 -23.00 8.17
N ILE A 125 -2.53 -22.45 9.37
CA ILE A 125 -1.90 -21.15 9.49
C ILE A 125 -0.43 -21.23 9.08
N TRP A 126 0.25 -22.32 9.43
CA TRP A 126 1.68 -22.41 9.17
C TRP A 126 2.00 -22.50 7.69
N ASN A 127 1.20 -23.25 6.94
CA ASN A 127 1.45 -23.50 5.53
C ASN A 127 0.76 -22.50 4.60
N ASN A 128 0.06 -21.51 5.15
CA ASN A 128 -0.69 -20.58 4.32
C ASN A 128 0.24 -19.78 3.42
N ARG A 129 -0.21 -19.51 2.20
CA ARG A 129 0.62 -18.80 1.24
C ARG A 129 0.94 -17.39 1.73
N TRP A 130 -0.05 -16.69 2.26
CA TRP A 130 0.18 -15.47 3.00
C TRP A 130 0.35 -15.82 4.48
N LEU A 131 0.72 -14.83 5.28
CA LEU A 131 1.07 -15.03 6.69
C LEU A 131 2.23 -16.00 6.85
N ARG A 132 3.06 -16.15 5.81
CA ARG A 132 4.15 -17.13 5.85
C ARG A 132 5.32 -16.63 6.70
N THR A 133 5.62 -15.33 6.65
CA THR A 133 6.77 -14.77 7.34
C THR A 133 6.41 -14.18 8.69
N ILE A 134 5.41 -14.72 9.37
CA ILE A 134 4.99 -14.28 10.69
C ILE A 134 5.13 -15.43 11.66
N SER A 135 5.90 -15.22 12.72
CA SER A 135 6.25 -16.28 13.66
C SER A 135 5.29 -16.25 14.85
N VAL A 136 4.59 -17.35 15.07
CA VAL A 136 3.59 -17.42 16.12
C VAL A 136 4.29 -17.56 17.48
N ILE A 137 3.55 -17.25 18.54
CA ILE A 137 4.01 -17.38 19.91
C ILE A 137 3.03 -18.30 20.61
N LEU A 138 3.34 -19.58 20.68
CA LEU A 138 2.41 -20.56 21.24
C LEU A 138 2.24 -20.36 22.74
N PHE A 139 1.06 -20.72 23.23
CA PHE A 139 0.78 -20.73 24.66
C PHE A 139 -0.01 -21.98 24.99
N LEU A 140 0.11 -22.45 26.23
CA LEU A 140 -0.58 -23.65 26.70
C LEU A 140 -1.24 -23.31 28.04
N ASN A 141 -2.51 -22.92 27.99
CA ASN A 141 -3.24 -22.53 29.19
C ASN A 141 -3.69 -23.77 29.98
N LYS A 142 -4.27 -23.52 31.16
CA LYS A 142 -4.83 -24.56 32.01
C LYS A 142 -3.81 -25.64 32.33
N GLN A 143 -2.57 -25.22 32.60
CA GLN A 143 -1.52 -26.17 32.92
C GLN A 143 -1.76 -26.83 34.27
N ASP A 144 -2.40 -26.12 35.21
CA ASP A 144 -2.63 -26.70 36.54
C ASP A 144 -3.62 -27.86 36.48
N LEU A 145 -4.62 -27.78 35.60
CA LEU A 145 -5.57 -28.88 35.46
C LEU A 145 -4.93 -30.11 34.84
N LEU A 146 -3.86 -29.91 34.05
CA LEU A 146 -3.19 -31.06 33.44
C LEU A 146 -2.58 -31.97 34.49
N ALA A 147 -1.95 -31.39 35.52
CA ALA A 147 -1.38 -32.20 36.59
C ALA A 147 -2.47 -32.98 37.33
N GLU A 148 -3.59 -32.32 37.62
CA GLU A 148 -4.69 -32.99 38.31
C GLU A 148 -5.23 -34.14 37.47
N LYS A 149 -5.37 -33.93 36.16
CA LYS A 149 -5.90 -34.99 35.31
C LYS A 149 -4.90 -36.13 35.13
N VAL A 150 -3.60 -35.83 35.11
CA VAL A 150 -2.59 -36.88 34.99
C VAL A 150 -2.52 -37.71 36.26
N LEU A 151 -2.55 -37.06 37.43
CA LEU A 151 -2.48 -37.79 38.69
C LEU A 151 -3.66 -38.75 38.83
N ALA A 152 -4.86 -38.30 38.47
CA ALA A 152 -6.01 -39.20 38.45
C ALA A 152 -5.90 -40.17 37.29
N GLY A 153 -6.33 -41.41 37.51
CA GLY A 153 -6.26 -42.46 36.52
C GLY A 153 -7.53 -42.75 35.77
N LYS A 154 -8.55 -41.89 35.88
CA LYS A 154 -9.82 -42.14 35.21
C LYS A 154 -9.68 -42.14 33.69
N SER A 155 -8.92 -41.17 33.16
CA SER A 155 -8.73 -41.04 31.72
C SER A 155 -7.24 -40.93 31.43
N LYS A 156 -6.82 -41.56 30.34
CA LYS A 156 -5.42 -41.56 29.92
C LYS A 156 -5.32 -41.07 28.48
N ILE A 157 -4.25 -40.33 28.18
CA ILE A 157 -4.07 -39.75 26.86
C ILE A 157 -3.79 -40.79 25.79
N GLU A 158 -3.47 -42.03 26.18
CA GLU A 158 -3.20 -43.08 25.20
C GLU A 158 -4.46 -43.47 24.42
N ASP A 159 -5.65 -43.25 24.98
CA ASP A 159 -6.87 -43.62 24.29
C ASP A 159 -7.05 -42.85 22.99
N TYR A 160 -6.76 -41.55 23.01
CA TYR A 160 -6.89 -40.73 21.81
C TYR A 160 -5.61 -40.69 20.99
N PHE A 161 -4.45 -40.72 21.65
CA PHE A 161 -3.16 -40.71 20.95
C PHE A 161 -2.51 -42.08 21.09
N PRO A 162 -2.47 -42.89 20.03
CA PRO A 162 -1.87 -44.23 20.14
C PRO A 162 -0.35 -44.23 20.20
N GLU A 163 0.31 -43.11 19.91
CA GLU A 163 1.76 -43.04 19.92
C GLU A 163 2.35 -42.74 21.29
N PHE A 164 1.51 -42.47 22.29
CA PHE A 164 2.02 -42.11 23.60
C PHE A 164 2.52 -43.32 24.38
N ALA A 165 2.00 -44.51 24.09
CA ALA A 165 2.33 -45.68 24.88
C ALA A 165 3.82 -46.02 24.81
N ARG A 166 4.45 -45.78 23.66
CA ARG A 166 5.86 -46.08 23.48
C ARG A 166 6.77 -44.88 23.69
N TYR A 167 6.22 -43.68 23.84
CA TYR A 167 7.03 -42.49 23.99
C TYR A 167 7.74 -42.48 25.34
N THR A 168 9.01 -42.09 25.32
CA THR A 168 9.83 -41.99 26.51
C THR A 168 10.35 -40.55 26.64
N THR A 169 10.84 -40.23 27.83
CA THR A 169 11.34 -38.88 28.08
C THR A 169 12.63 -38.67 27.29
N PRO A 170 12.71 -37.62 26.46
CA PRO A 170 13.91 -37.37 25.64
C PRO A 170 15.05 -36.77 26.46
N GLU A 179 8.27 -31.86 39.90
CA GLU A 179 6.98 -32.54 39.90
C GLU A 179 7.14 -34.00 39.49
N ASP A 180 6.02 -34.70 39.42
CA ASP A 180 6.05 -36.11 39.09
C ASP A 180 6.48 -36.32 37.64
N PRO A 181 7.22 -37.40 37.36
CA PRO A 181 7.70 -37.62 35.98
C PRO A 181 6.58 -37.76 34.97
N ARG A 182 5.43 -38.30 35.36
CA ARG A 182 4.33 -38.47 34.41
C ARG A 182 3.84 -37.13 33.89
N VAL A 183 3.74 -36.13 34.78
CA VAL A 183 3.31 -34.80 34.37
C VAL A 183 4.31 -34.22 33.37
N THR A 184 5.60 -34.36 33.65
CA THR A 184 6.62 -33.84 32.74
C THR A 184 6.54 -34.54 31.38
N ARG A 185 6.37 -35.86 31.37
CA ARG A 185 6.29 -36.58 30.11
C ARG A 185 5.08 -36.15 29.30
N ALA A 186 3.92 -36.00 29.95
CA ALA A 186 2.73 -35.55 29.25
C ALA A 186 2.91 -34.15 28.68
N LYS A 187 3.47 -33.25 29.48
CA LYS A 187 3.69 -31.87 29.01
C LYS A 187 4.63 -31.85 27.82
N TYR A 188 5.72 -32.60 27.87
CA TYR A 188 6.67 -32.59 26.76
C TYR A 188 6.08 -33.25 25.51
N PHE A 189 5.26 -34.28 25.68
CA PHE A 189 4.59 -34.88 24.52
C PHE A 189 3.65 -33.87 23.86
N ILE A 190 2.86 -33.16 24.67
CA ILE A 190 1.94 -32.17 24.11
C ILE A 190 2.72 -31.07 23.40
N ARG A 191 3.83 -30.61 23.98
CA ARG A 191 4.64 -29.59 23.35
C ARG A 191 5.23 -30.08 22.04
N LYS A 192 5.76 -31.31 22.03
CA LYS A 192 6.40 -31.83 20.82
C LYS A 192 5.39 -32.04 19.70
N GLU A 193 4.13 -32.31 20.04
CA GLU A 193 3.12 -32.47 19.00
C GLU A 193 3.00 -31.21 18.15
N PHE A 194 3.00 -30.03 18.77
CA PHE A 194 2.99 -28.78 18.02
C PHE A 194 4.36 -28.45 17.44
N VAL A 195 5.44 -28.79 18.15
CA VAL A 195 6.78 -28.45 17.67
C VAL A 195 7.08 -29.15 16.35
N ASP A 196 6.68 -30.41 16.22
CA ASP A 196 6.93 -31.15 15.00
C ASP A 196 6.24 -30.50 13.81
N ILE A 197 4.98 -30.12 13.99
CA ILE A 197 4.23 -29.46 12.90
C ILE A 197 4.87 -28.12 12.56
N SER A 198 5.32 -27.39 13.59
CA SER A 198 5.94 -26.09 13.33
C SER A 198 7.24 -26.23 12.55
N THR A 199 8.06 -27.22 12.89
CA THR A 199 9.38 -27.34 12.29
C THR A 199 9.40 -28.14 10.99
N ALA A 200 8.34 -28.88 10.67
CA ALA A 200 8.36 -29.68 9.45
C ALA A 200 8.26 -28.81 8.20
N SER A 201 7.33 -27.86 8.18
CA SER A 201 7.02 -27.15 6.94
C SER A 201 7.97 -25.98 6.69
N GLY A 202 7.97 -24.99 7.57
CA GLY A 202 8.71 -23.77 7.35
C GLY A 202 10.14 -23.85 7.85
N ASP A 203 11.06 -23.30 7.05
CA ASP A 203 12.48 -23.33 7.38
C ASP A 203 13.08 -21.96 7.13
N GLY A 204 13.68 -21.37 8.16
CA GLY A 204 14.44 -20.14 8.01
C GLY A 204 13.63 -18.87 7.87
N ARG A 205 12.32 -18.91 8.12
CA ARG A 205 11.51 -17.71 8.00
C ARG A 205 10.71 -17.41 9.26
N HIS A 206 10.28 -18.46 9.95
CA HIS A 206 9.51 -18.28 11.17
C HIS A 206 9.59 -19.55 12.02
N ILE A 207 9.38 -19.38 13.31
CA ILE A 207 9.46 -20.48 14.29
C ILE A 207 8.35 -20.31 15.32
N CYS A 208 8.31 -21.22 16.28
CA CYS A 208 7.31 -21.24 17.33
C CYS A 208 7.97 -21.10 18.69
N TYR A 209 7.14 -20.87 19.72
CA TYR A 209 7.62 -20.74 21.09
C TYR A 209 6.57 -21.28 22.06
N PRO A 210 6.79 -22.44 22.66
CA PRO A 210 5.76 -23.04 23.53
C PRO A 210 5.42 -22.22 24.78
N HIS A 211 6.43 -21.92 25.59
CA HIS A 211 6.35 -21.00 26.72
C HIS A 211 5.57 -21.53 27.92
N PHE A 212 4.88 -22.66 27.76
CA PHE A 212 4.28 -23.42 28.87
C PHE A 212 3.69 -22.53 29.95
N THR A 213 2.74 -21.68 29.56
CA THR A 213 2.15 -20.73 30.50
C THR A 213 1.23 -21.45 31.47
N CYS A 214 0.66 -20.69 32.41
CA CYS A 214 -0.28 -21.18 33.40
C CYS A 214 -1.53 -20.31 33.37
N ALA A 215 -2.49 -20.66 34.22
CA ALA A 215 -3.78 -19.95 34.22
C ALA A 215 -3.65 -18.55 34.83
N VAL A 216 -2.92 -18.43 35.94
CA VAL A 216 -2.88 -17.17 36.67
C VAL A 216 -1.44 -16.65 36.73
N ASP A 217 -0.66 -16.94 35.71
CA ASP A 217 0.71 -16.44 35.66
C ASP A 217 0.71 -14.95 35.31
N THR A 218 1.62 -14.21 35.95
CA THR A 218 1.68 -12.75 35.80
C THR A 218 2.96 -12.28 35.11
N GLU A 219 3.63 -13.16 34.38
CA GLU A 219 4.87 -12.80 33.70
C GLU A 219 4.75 -12.93 32.18
N ASN A 220 3.52 -12.95 31.65
CA ASN A 220 3.34 -13.16 30.22
C ASN A 220 3.83 -11.96 29.41
N ALA A 221 3.65 -10.75 29.94
CA ALA A 221 4.04 -9.55 29.20
C ALA A 221 5.54 -9.54 28.93
N ARG A 222 6.34 -9.95 29.91
CA ARG A 222 7.79 -10.01 29.71
C ARG A 222 8.15 -11.00 28.62
N ARG A 223 7.49 -12.15 28.59
CA ARG A 223 7.77 -13.15 27.57
C ARG A 223 7.41 -12.63 26.18
N ILE A 224 6.26 -11.96 26.06
CA ILE A 224 5.87 -11.40 24.78
C ILE A 224 6.88 -10.34 24.33
N PHE A 225 7.34 -9.51 25.27
CA PHE A 225 8.31 -8.47 24.94
C PHE A 225 9.63 -9.08 24.45
N ASN A 226 10.12 -10.11 25.15
CA ASN A 226 11.37 -10.75 24.74
C ASN A 226 11.24 -11.41 23.37
N ASP A 227 10.12 -12.11 23.13
CA ASP A 227 9.93 -12.77 21.85
C ASP A 227 9.82 -11.75 20.72
N CYS A 228 9.13 -10.64 20.95
CA CYS A 228 9.05 -9.60 19.92
C CYS A 228 10.43 -9.01 19.64
N LYS A 229 11.23 -8.81 20.68
CA LYS A 229 12.60 -8.33 20.47
C LYS A 229 13.40 -9.30 19.62
N ASP A 230 13.29 -10.60 19.91
CA ASP A 230 14.01 -11.59 19.11
C ASP A 230 13.55 -11.60 17.66
N ILE A 231 12.24 -11.50 17.44
CA ILE A 231 11.73 -11.49 16.07
C ILE A 231 12.23 -10.27 15.32
N ILE A 232 12.21 -9.10 15.96
CA ILE A 232 12.67 -7.88 15.31
C ILE A 232 14.16 -7.95 15.00
N LEU A 233 14.95 -8.50 15.92
CA LEU A 233 16.39 -8.63 15.69
C LEU A 233 16.66 -9.57 14.54
N GLN A 234 15.95 -10.71 14.48
CA GLN A 234 16.12 -11.63 13.37
C GLN A 234 15.74 -10.98 12.04
N MET A 235 14.66 -10.20 12.04
CA MET A 235 14.24 -9.52 10.82
C MET A 235 15.29 -8.52 10.36
N ASN A 236 15.83 -7.74 11.27
CA ASN A 236 16.87 -6.76 10.91
C ASN A 236 18.11 -7.47 10.38
N LEU A 237 18.53 -8.56 11.03
CA LEU A 237 19.71 -9.27 10.58
C LEU A 237 19.53 -9.84 9.17
N LYS A 238 18.35 -10.41 8.91
CA LYS A 238 18.09 -10.95 7.58
C LYS A 238 17.97 -9.85 6.53
N GLU A 239 17.36 -8.72 6.90
CA GLU A 239 17.08 -7.67 5.93
C GLU A 239 18.35 -6.91 5.55
N TYR A 240 19.22 -6.62 6.53
CA TYR A 240 20.45 -5.89 6.23
C TYR A 240 21.49 -6.74 5.51
N ASN A 241 21.23 -8.05 5.34
CA ASN A 241 22.04 -9.04 4.64
C ASN A 241 23.23 -9.51 5.47
N LEU A 242 23.34 -9.12 6.74
CA LEU A 242 24.43 -9.63 7.57
C LEU A 242 24.42 -11.16 7.62
N VAL A 243 23.24 -11.76 7.67
CA VAL A 243 23.10 -13.21 7.62
C VAL A 243 21.99 -13.60 6.65
N LEU B 22 -37.96 -36.31 2.05
CA LEU B 22 -37.12 -35.15 1.75
C LEU B 22 -36.33 -35.37 0.47
N ASP B 23 -36.19 -36.64 0.08
CA ASP B 23 -35.46 -36.97 -1.14
C ASP B 23 -36.21 -36.54 -2.39
N GLN B 24 -37.54 -36.50 -2.32
CA GLN B 24 -38.33 -36.09 -3.49
C GLN B 24 -38.04 -34.64 -3.87
N LEU B 25 -37.85 -33.77 -2.88
CA LEU B 25 -37.52 -32.38 -3.16
C LEU B 25 -36.21 -32.27 -3.93
N ARG B 26 -35.20 -33.02 -3.50
CA ARG B 26 -33.91 -32.99 -4.19
C ARG B 26 -34.00 -33.62 -5.57
N GLN B 27 -34.83 -34.66 -5.73
CA GLN B 27 -35.04 -35.23 -7.06
C GLN B 27 -35.67 -34.22 -8.00
N GLU B 28 -36.68 -33.47 -7.50
CA GLU B 28 -37.30 -32.44 -8.33
C GLU B 28 -36.32 -31.34 -8.67
N ALA B 29 -35.48 -30.93 -7.71
CA ALA B 29 -34.47 -29.91 -7.98
C ALA B 29 -33.48 -30.39 -9.04
N GLU B 30 -33.04 -31.65 -8.94
CA GLU B 30 -32.13 -32.19 -9.94
C GLU B 30 -32.78 -32.29 -11.31
N GLN B 31 -34.07 -32.64 -11.35
CA GLN B 31 -34.78 -32.69 -12.63
C GLN B 31 -34.87 -31.31 -13.26
N LEU B 32 -35.17 -30.28 -12.45
CA LEU B 32 -35.21 -28.92 -12.97
C LEU B 32 -33.84 -28.47 -13.47
N LYS B 33 -32.79 -28.82 -12.72
CA LYS B 33 -31.43 -28.47 -13.15
C LYS B 33 -31.07 -29.15 -14.46
N ASN B 34 -31.44 -30.42 -14.61
CA ASN B 34 -31.17 -31.12 -15.87
C ASN B 34 -31.96 -30.51 -17.02
N GLN B 35 -33.21 -30.11 -16.78
CA GLN B 35 -33.99 -29.45 -17.82
C GLN B 35 -33.36 -28.13 -18.22
N ILE B 36 -32.88 -27.35 -17.26
CA ILE B 36 -32.21 -26.09 -17.57
C ILE B 36 -30.95 -26.33 -18.38
N ARG B 37 -30.17 -27.34 -18.00
CA ARG B 37 -28.96 -27.66 -18.74
C ARG B 37 -29.28 -28.09 -20.17
N ASP B 38 -30.32 -28.90 -20.34
CA ASP B 38 -30.72 -29.31 -21.69
C ASP B 38 -31.16 -28.12 -22.52
N ALA B 39 -31.92 -27.19 -21.92
CA ALA B 39 -32.34 -25.99 -22.64
C ALA B 39 -31.15 -25.15 -23.06
N ARG B 40 -30.17 -24.99 -22.16
CA ARG B 40 -28.97 -24.23 -22.49
C ARG B 40 -28.19 -24.89 -23.62
N LYS B 41 -28.06 -26.22 -23.57
CA LYS B 41 -27.34 -26.94 -24.63
C LYS B 41 -28.06 -26.79 -25.97
N ALA B 42 -29.38 -26.91 -25.97
CA ALA B 42 -30.13 -26.76 -27.21
C ALA B 42 -30.02 -25.36 -27.76
N CYS B 43 -30.05 -24.35 -26.89
CA CYS B 43 -29.95 -22.96 -27.35
C CYS B 43 -28.58 -22.63 -27.91
N ALA B 44 -27.54 -23.39 -27.55
CA ALA B 44 -26.20 -23.10 -28.03
C ALA B 44 -26.06 -23.52 -29.49
N ASP B 45 -25.49 -22.64 -30.30
CA ASP B 45 -25.29 -22.90 -31.73
C ASP B 45 -23.82 -22.99 -32.08
N ALA B 46 -23.03 -21.97 -31.75
CA ALA B 46 -21.61 -21.96 -32.07
C ALA B 46 -20.91 -20.96 -31.16
N THR B 47 -19.75 -21.36 -30.64
CA THR B 47 -19.01 -20.52 -29.71
C THR B 47 -18.43 -19.30 -30.43
N LEU B 48 -18.37 -18.17 -29.71
CA LEU B 48 -17.77 -16.96 -30.25
C LEU B 48 -16.30 -17.13 -30.56
N SER B 49 -15.61 -18.06 -29.90
CA SER B 49 -14.18 -18.22 -30.09
C SER B 49 -13.81 -18.78 -31.46
N GLN B 50 -14.79 -19.27 -32.23
CA GLN B 50 -14.51 -19.83 -33.55
C GLN B 50 -15.11 -19.03 -34.69
N ILE B 51 -16.19 -18.28 -34.45
CA ILE B 51 -16.76 -17.46 -35.52
C ILE B 51 -15.83 -16.31 -35.88
N THR B 52 -15.18 -15.71 -34.88
CA THR B 52 -14.28 -14.59 -35.11
C THR B 52 -12.88 -15.13 -35.40
N ASN B 53 -12.73 -15.66 -36.61
CA ASN B 53 -11.43 -16.14 -37.09
C ASN B 53 -10.83 -15.27 -38.18
N ASN B 54 -11.64 -14.45 -38.86
CA ASN B 54 -11.17 -13.56 -39.90
C ASN B 54 -10.81 -12.17 -39.38
N ILE B 55 -10.97 -11.93 -38.09
CA ILE B 55 -10.67 -10.61 -37.52
C ILE B 55 -9.17 -10.51 -37.28
N ASP B 56 -8.56 -9.47 -37.83
CA ASP B 56 -7.13 -9.28 -37.67
C ASP B 56 -6.81 -8.87 -36.23
N PRO B 57 -5.94 -9.59 -35.52
CA PRO B 57 -5.65 -9.24 -34.13
C PRO B 57 -4.89 -7.92 -34.02
N VAL B 58 -5.06 -7.26 -32.88
CA VAL B 58 -4.34 -6.03 -32.62
C VAL B 58 -2.89 -6.36 -32.32
N GLY B 59 -1.99 -5.41 -32.62
CA GLY B 59 -0.58 -5.61 -32.42
C GLY B 59 -0.18 -5.50 -30.96
N ARG B 60 1.12 -5.66 -30.73
CA ARG B 60 1.66 -5.59 -29.38
C ARG B 60 1.36 -4.24 -28.76
N ILE B 61 0.86 -4.24 -27.53
CA ILE B 61 0.47 -3.03 -26.81
C ILE B 61 1.49 -2.77 -25.73
N GLN B 62 2.21 -1.66 -25.85
CA GLN B 62 3.26 -1.28 -24.91
C GLN B 62 2.82 -0.03 -24.16
N MET B 63 2.81 -0.10 -22.83
CA MET B 63 2.40 1.01 -21.99
C MET B 63 3.48 1.29 -20.96
N ARG B 64 3.83 2.56 -20.81
CA ARG B 64 4.82 2.99 -19.84
C ARG B 64 4.13 3.70 -18.68
N THR B 65 4.80 3.69 -17.52
CA THR B 65 4.24 4.34 -16.34
C THR B 65 4.29 5.84 -16.50
N ARG B 66 3.18 6.43 -16.98
CA ARG B 66 3.17 7.88 -17.21
C ARG B 66 3.33 8.64 -15.91
N ARG B 67 2.72 8.17 -14.83
CA ARG B 67 2.86 8.85 -13.55
C ARG B 67 2.88 7.87 -12.40
N THR B 68 3.52 8.27 -11.30
CA THR B 68 3.60 7.47 -10.08
C THR B 68 3.24 8.36 -8.90
N LEU B 69 2.33 7.87 -8.06
CA LEU B 69 1.88 8.59 -6.87
C LEU B 69 2.32 7.80 -5.64
N ARG B 70 2.97 8.49 -4.71
CA ARG B 70 3.54 7.83 -3.53
C ARG B 70 3.20 8.56 -2.25
N GLY B 71 3.73 8.08 -1.13
CA GLY B 71 3.48 8.68 0.16
C GLY B 71 2.20 8.18 0.82
N HIS B 72 2.09 6.86 0.97
CA HIS B 72 0.91 6.28 1.60
C HIS B 72 1.29 5.41 2.79
N LEU B 73 2.47 4.79 2.73
CA LEU B 73 3.07 4.04 3.84
C LEU B 73 2.30 2.78 4.21
N ALA B 74 1.50 2.23 3.31
CA ALA B 74 0.71 1.04 3.63
C ALA B 74 0.34 0.34 2.32
N LYS B 75 -0.61 -0.58 2.38
CA LYS B 75 -1.05 -1.35 1.23
C LYS B 75 -2.34 -0.79 0.69
N ILE B 76 -2.38 -0.52 -0.61
CA ILE B 76 -3.58 -0.01 -1.27
C ILE B 76 -4.59 -1.13 -1.41
N TYR B 77 -5.85 -0.84 -1.12
CA TYR B 77 -6.92 -1.82 -1.22
C TYR B 77 -7.97 -1.49 -2.25
N ALA B 78 -8.35 -0.22 -2.39
CA ALA B 78 -9.37 0.16 -3.36
C ALA B 78 -9.07 1.53 -3.93
N MET B 79 -9.62 1.78 -5.12
CA MET B 79 -9.40 3.00 -5.87
C MET B 79 -10.57 3.23 -6.81
N HIS B 80 -10.97 4.49 -6.97
CA HIS B 80 -12.09 4.82 -7.85
C HIS B 80 -11.82 6.16 -8.52
N TRP B 81 -12.28 6.29 -9.77
CA TRP B 81 -11.99 7.47 -10.58
C TRP B 81 -13.04 8.57 -10.42
N GLY B 82 -14.32 8.24 -10.58
CA GLY B 82 -15.37 9.23 -10.59
C GLY B 82 -15.77 9.62 -12.01
N THR B 83 -16.85 10.40 -12.10
CA THR B 83 -17.38 10.77 -13.39
C THR B 83 -16.40 11.64 -14.17
N ASP B 84 -15.51 12.35 -13.49
CA ASP B 84 -14.47 13.13 -14.12
C ASP B 84 -13.22 12.27 -14.30
N SER B 85 -12.40 12.65 -15.26
CA SER B 85 -11.19 11.90 -15.57
C SER B 85 -9.97 12.38 -14.78
N ARG B 86 -10.11 13.40 -13.94
CA ARG B 86 -8.97 13.94 -13.21
C ARG B 86 -8.84 13.37 -11.80
N LEU B 87 -9.87 13.57 -10.98
CA LEU B 87 -9.77 13.19 -9.58
C LEU B 87 -9.77 11.68 -9.41
N LEU B 88 -9.27 11.24 -8.25
CA LEU B 88 -9.06 9.82 -7.99
C LEU B 88 -9.00 9.61 -6.48
N VAL B 89 -9.81 8.69 -5.97
CA VAL B 89 -9.87 8.40 -4.54
C VAL B 89 -9.24 7.05 -4.29
N SER B 90 -8.35 6.97 -3.31
CA SER B 90 -7.65 5.73 -2.99
C SER B 90 -7.70 5.50 -1.49
N ALA B 91 -7.82 4.23 -1.10
CA ALA B 91 -7.93 3.85 0.30
C ALA B 91 -6.88 2.80 0.63
N SER B 92 -6.51 2.72 1.91
CA SER B 92 -5.43 1.84 2.33
C SER B 92 -5.58 1.53 3.81
N GLN B 93 -4.73 0.62 4.29
CA GLN B 93 -4.73 0.20 5.68
C GLN B 93 -4.01 1.18 6.60
N ASP B 94 -3.41 2.23 6.05
CA ASP B 94 -2.74 3.22 6.89
C ASP B 94 -3.73 3.95 7.79
N GLY B 95 -5.00 3.98 7.40
CA GLY B 95 -5.99 4.77 8.10
C GLY B 95 -6.30 6.10 7.48
N LYS B 96 -5.80 6.36 6.27
CA LYS B 96 -6.03 7.61 5.57
C LYS B 96 -6.55 7.31 4.17
N LEU B 97 -7.62 8.02 3.78
CA LEU B 97 -8.17 7.93 2.43
C LEU B 97 -7.80 9.20 1.69
N ILE B 98 -7.14 9.06 0.54
CA ILE B 98 -6.47 10.19 -0.10
C ILE B 98 -7.11 10.45 -1.46
N ILE B 99 -7.33 11.72 -1.76
CA ILE B 99 -7.80 12.15 -3.08
C ILE B 99 -6.62 12.77 -3.82
N TRP B 100 -6.33 12.25 -5.00
CA TRP B 100 -5.18 12.66 -5.80
C TRP B 100 -5.62 13.59 -6.93
N ASP B 101 -4.68 13.90 -7.81
CA ASP B 101 -4.95 14.63 -9.04
C ASP B 101 -4.08 14.01 -10.12
N SER B 102 -4.71 13.47 -11.16
CA SER B 102 -3.98 12.67 -12.16
C SER B 102 -3.16 13.51 -13.13
N TYR B 103 -3.37 14.82 -13.19
CA TYR B 103 -2.66 15.66 -14.14
C TYR B 103 -1.43 16.35 -13.56
N THR B 104 -1.36 16.48 -12.23
CA THR B 104 -0.21 17.15 -11.61
C THR B 104 0.30 16.43 -10.38
N THR B 105 -0.24 15.25 -10.04
CA THR B 105 0.24 14.45 -8.91
C THR B 105 0.21 15.24 -7.61
N ASN B 106 -0.88 15.98 -7.38
CA ASN B 106 -1.05 16.76 -6.17
C ASN B 106 -2.21 16.21 -5.35
N LYS B 107 -2.13 16.36 -4.04
CA LYS B 107 -3.18 15.92 -3.15
C LYS B 107 -4.20 17.04 -2.94
N VAL B 108 -5.45 16.63 -2.75
CA VAL B 108 -6.55 17.54 -2.49
C VAL B 108 -7.07 17.39 -1.07
N HIS B 109 -7.37 16.14 -0.66
CA HIS B 109 -7.82 15.85 0.69
C HIS B 109 -7.17 14.57 1.19
N ALA B 110 -6.93 14.53 2.50
CA ALA B 110 -6.43 13.33 3.18
C ALA B 110 -7.33 13.08 4.38
N ILE B 111 -8.41 12.35 4.16
CA ILE B 111 -9.44 12.15 5.18
C ILE B 111 -8.99 11.07 6.14
N PRO B 112 -8.96 11.33 7.45
CA PRO B 112 -8.70 10.25 8.42
C PRO B 112 -9.87 9.29 8.49
N LEU B 113 -9.66 8.19 9.20
CA LEU B 113 -10.66 7.15 9.34
C LEU B 113 -10.81 6.75 10.80
N ARG B 114 -12.04 6.37 11.17
CA ARG B 114 -12.28 5.91 12.53
C ARG B 114 -11.69 4.53 12.76
N SER B 115 -11.87 3.62 11.80
CA SER B 115 -11.34 2.26 11.90
C SER B 115 -10.20 2.10 10.91
N SER B 116 -9.08 1.56 11.38
CA SER B 116 -7.90 1.43 10.55
C SER B 116 -8.14 0.51 9.36
N TRP B 117 -8.83 -0.61 9.60
CA TRP B 117 -9.02 -1.63 8.57
C TRP B 117 -10.11 -1.17 7.60
N VAL B 118 -9.77 -1.10 6.30
CA VAL B 118 -10.74 -0.79 5.25
C VAL B 118 -10.55 -1.80 4.12
N MET B 119 -11.59 -1.94 3.31
CA MET B 119 -11.57 -2.85 2.18
C MET B 119 -12.10 -2.27 0.88
N THR B 120 -12.76 -1.11 0.91
CA THR B 120 -13.35 -0.58 -0.31
C THR B 120 -13.49 0.94 -0.19
N CYS B 121 -13.66 1.58 -1.35
CA CYS B 121 -13.94 3.01 -1.40
C CYS B 121 -14.76 3.28 -2.66
N ALA B 122 -15.46 4.41 -2.66
CA ALA B 122 -16.32 4.77 -3.77
C ALA B 122 -16.44 6.28 -3.88
N TYR B 123 -16.48 6.77 -5.12
CA TYR B 123 -16.60 8.19 -5.42
C TYR B 123 -17.93 8.44 -6.09
N ALA B 124 -18.70 9.38 -5.55
CA ALA B 124 -20.06 9.61 -6.02
C ALA B 124 -20.05 10.22 -7.42
N PRO B 125 -21.05 9.91 -8.24
CA PRO B 125 -21.14 10.55 -9.57
C PRO B 125 -21.29 12.05 -9.50
N SER B 126 -21.90 12.59 -8.45
CA SER B 126 -22.05 14.04 -8.31
C SER B 126 -20.74 14.72 -7.91
N GLY B 127 -19.73 13.96 -7.48
CA GLY B 127 -18.48 14.56 -7.06
C GLY B 127 -18.54 15.27 -5.73
N ASN B 128 -19.52 14.94 -4.89
CA ASN B 128 -19.70 15.60 -3.60
C ASN B 128 -19.53 14.68 -2.41
N TYR B 129 -19.66 13.36 -2.58
CA TYR B 129 -19.61 12.43 -1.46
C TYR B 129 -18.59 11.34 -1.73
N VAL B 130 -18.02 10.79 -0.66
CA VAL B 130 -17.10 9.67 -0.72
C VAL B 130 -17.59 8.60 0.24
N ALA B 131 -17.45 7.34 -0.14
CA ALA B 131 -17.91 6.24 0.69
C ALA B 131 -16.75 5.31 1.02
N CYS B 132 -16.66 4.91 2.28
CA CYS B 132 -15.64 3.98 2.75
C CYS B 132 -16.29 2.64 3.10
N GLY B 133 -15.47 1.73 3.62
CA GLY B 133 -15.94 0.42 4.02
C GLY B 133 -15.35 -0.02 5.32
N GLY B 134 -14.76 -1.22 5.35
CA GLY B 134 -14.03 -1.65 6.53
C GLY B 134 -14.31 -3.07 6.97
N LEU B 135 -13.40 -3.64 7.76
CA LEU B 135 -13.63 -4.95 8.35
C LEU B 135 -14.76 -4.91 9.36
N ASP B 136 -15.09 -3.74 9.90
CA ASP B 136 -16.29 -3.58 10.69
C ASP B 136 -17.51 -3.61 9.77
N ASN B 137 -18.69 -3.56 10.37
CA ASN B 137 -19.93 -3.65 9.61
C ASN B 137 -20.45 -2.28 9.16
N ILE B 138 -19.81 -1.20 9.56
CA ILE B 138 -20.34 0.15 9.35
C ILE B 138 -19.77 0.74 8.08
N CYS B 139 -20.65 1.22 7.20
CA CYS B 139 -20.27 1.91 5.98
C CYS B 139 -20.36 3.41 6.22
N SER B 140 -19.25 4.11 6.06
CA SER B 140 -19.17 5.53 6.33
C SER B 140 -19.30 6.33 5.05
N ILE B 141 -20.01 7.45 5.13
CA ILE B 141 -20.20 8.35 4.01
C ILE B 141 -19.74 9.74 4.43
N TYR B 142 -18.68 10.23 3.78
CA TYR B 142 -18.06 11.51 4.07
C TYR B 142 -18.47 12.55 3.04
N ASN B 143 -18.64 13.78 3.53
CA ASN B 143 -18.96 14.93 2.70
C ASN B 143 -17.67 15.60 2.24
N LEU B 144 -17.75 16.27 1.08
CA LEU B 144 -16.60 17.00 0.53
C LEU B 144 -16.85 18.50 0.45
N LYS B 145 -17.95 18.92 -0.18
CA LYS B 145 -18.26 20.34 -0.30
C LYS B 145 -18.97 20.81 0.96
N THR B 146 -18.36 21.74 1.68
CA THR B 146 -18.93 22.22 2.93
C THR B 146 -18.54 23.68 3.13
N ARG B 147 -19.33 24.35 3.99
CA ARG B 147 -19.11 25.77 4.23
C ARG B 147 -17.83 26.00 5.03
N GLU B 148 -17.55 25.14 6.01
CA GLU B 148 -16.38 25.34 6.86
C GLU B 148 -15.08 25.08 6.10
N GLY B 149 -15.09 24.15 5.15
CA GLY B 149 -13.90 23.84 4.37
C GLY B 149 -13.17 22.59 4.80
N ASN B 150 -13.67 21.84 5.78
CA ASN B 150 -13.04 20.62 6.24
C ASN B 150 -14.01 19.45 6.08
N VAL B 151 -13.49 18.31 5.64
CA VAL B 151 -14.32 17.13 5.42
C VAL B 151 -14.71 16.51 6.75
N ARG B 152 -16.01 16.27 6.93
CA ARG B 152 -16.53 15.66 8.15
C ARG B 152 -17.47 14.53 7.77
N VAL B 153 -17.55 13.52 8.64
CA VAL B 153 -18.37 12.35 8.37
C VAL B 153 -19.83 12.76 8.36
N SER B 154 -20.54 12.37 7.30
CA SER B 154 -21.95 12.71 7.13
C SER B 154 -22.88 11.61 7.63
N ARG B 155 -22.64 10.36 7.22
CA ARG B 155 -23.51 9.27 7.61
C ARG B 155 -22.70 8.05 7.98
N GLU B 156 -23.29 7.18 8.80
CA GLU B 156 -22.70 5.91 9.18
C GLU B 156 -23.79 4.84 9.16
N LEU B 157 -23.91 4.14 8.03
CA LEU B 157 -24.93 3.11 7.88
C LEU B 157 -24.44 1.83 8.54
N ALA B 158 -25.22 1.31 9.50
CA ALA B 158 -24.78 0.17 10.28
C ALA B 158 -25.82 -0.95 10.29
N GLY B 159 -25.57 -1.99 11.09
CA GLY B 159 -26.48 -3.12 11.17
C GLY B 159 -26.40 -4.04 9.97
N HIS B 160 -25.25 -4.68 9.78
CA HIS B 160 -25.08 -5.55 8.63
C HIS B 160 -24.54 -6.92 9.04
N THR B 161 -23.79 -6.97 10.14
CA THR B 161 -23.21 -8.21 10.68
C THR B 161 -22.32 -8.90 9.65
N GLY B 162 -21.25 -8.20 9.27
CA GLY B 162 -20.31 -8.73 8.30
C GLY B 162 -19.45 -7.66 7.66
N TYR B 163 -18.21 -8.01 7.31
CA TYR B 163 -17.32 -7.06 6.67
C TYR B 163 -17.80 -6.74 5.26
N LEU B 164 -17.71 -5.46 4.89
CA LEU B 164 -18.10 -5.04 3.55
C LEU B 164 -17.00 -5.34 2.55
N SER B 165 -17.37 -5.40 1.27
CA SER B 165 -16.42 -5.72 0.22
C SER B 165 -16.40 -4.69 -0.89
N CYS B 166 -17.56 -4.12 -1.21
CA CYS B 166 -17.64 -3.15 -2.30
C CYS B 166 -18.85 -2.26 -2.11
N CYS B 167 -18.64 -0.94 -2.23
CA CYS B 167 -19.70 0.05 -2.16
C CYS B 167 -19.82 0.76 -3.49
N ARG B 168 -21.05 0.94 -3.96
CA ARG B 168 -21.32 1.61 -5.21
C ARG B 168 -22.45 2.62 -5.03
N PHE B 169 -22.35 3.72 -5.77
CA PHE B 169 -23.32 4.81 -5.68
C PHE B 169 -24.28 4.75 -6.85
N LEU B 170 -25.59 4.75 -6.55
CA LEU B 170 -26.59 4.91 -7.59
C LEU B 170 -26.79 6.39 -7.91
N ASP B 171 -27.10 7.19 -6.89
CA ASP B 171 -27.17 8.63 -7.00
C ASP B 171 -26.77 9.20 -5.64
N ASP B 172 -27.09 10.48 -5.40
CA ASP B 172 -26.70 11.12 -4.16
C ASP B 172 -27.56 10.71 -2.96
N ASN B 173 -28.63 9.95 -3.19
CA ASN B 173 -29.54 9.56 -2.10
C ASN B 173 -29.68 8.05 -1.95
N GLN B 174 -28.90 7.26 -2.70
CA GLN B 174 -28.98 5.81 -2.60
C GLN B 174 -27.58 5.22 -2.69
N ILE B 175 -27.43 4.00 -2.17
CA ILE B 175 -26.16 3.30 -2.19
C ILE B 175 -26.45 1.80 -2.12
N VAL B 176 -25.61 1.01 -2.78
CA VAL B 176 -25.72 -0.44 -2.80
C VAL B 176 -24.43 -1.03 -2.27
N THR B 177 -24.56 -1.93 -1.29
CA THR B 177 -23.39 -2.51 -0.62
C THR B 177 -23.48 -4.02 -0.62
N SER B 178 -22.31 -4.66 -0.59
CA SER B 178 -22.18 -6.10 -0.47
C SER B 178 -21.22 -6.41 0.67
N SER B 179 -21.49 -7.49 1.39
CA SER B 179 -20.80 -7.76 2.65
C SER B 179 -20.33 -9.21 2.67
N GLY B 180 -19.77 -9.61 3.81
CA GLY B 180 -19.25 -10.96 3.94
C GLY B 180 -20.33 -12.01 4.09
N ASP B 181 -21.43 -11.68 4.75
CA ASP B 181 -22.54 -12.61 4.87
C ASP B 181 -23.25 -12.74 3.53
N THR B 182 -24.30 -13.54 3.50
CA THR B 182 -24.97 -13.90 2.25
C THR B 182 -26.05 -12.90 1.86
N THR B 183 -25.72 -11.61 1.82
CA THR B 183 -26.72 -10.58 1.53
C THR B 183 -26.08 -9.44 0.74
N CYS B 184 -26.93 -8.76 -0.05
CA CYS B 184 -26.57 -7.50 -0.69
C CYS B 184 -27.67 -6.49 -0.39
N ALA B 185 -27.30 -5.31 0.08
CA ALA B 185 -28.27 -4.36 0.60
C ALA B 185 -28.30 -3.10 -0.27
N LEU B 186 -29.48 -2.49 -0.33
CA LEU B 186 -29.69 -1.18 -0.94
C LEU B 186 -30.23 -0.26 0.14
N TRP B 187 -29.45 0.75 0.50
CA TRP B 187 -29.72 1.62 1.63
C TRP B 187 -30.44 2.89 1.19
N ASP B 188 -30.54 3.84 2.12
CA ASP B 188 -31.08 5.17 1.85
C ASP B 188 -30.35 6.13 2.79
N ILE B 189 -29.65 7.11 2.22
CA ILE B 189 -28.71 7.91 3.01
C ILE B 189 -29.46 8.70 4.09
N GLU B 190 -30.55 9.37 3.70
CA GLU B 190 -31.21 10.28 4.63
C GLU B 190 -31.92 9.53 5.74
N THR B 191 -32.69 8.50 5.40
CA THR B 191 -33.40 7.74 6.43
C THR B 191 -32.46 6.86 7.23
N GLY B 192 -31.48 6.24 6.55
CA GLY B 192 -30.50 5.41 7.21
C GLY B 192 -30.84 3.94 7.32
N GLN B 193 -32.05 3.55 6.94
CA GLN B 193 -32.47 2.15 7.04
C GLN B 193 -32.20 1.43 5.73
N GLN B 194 -32.24 0.10 5.79
CA GLN B 194 -32.08 -0.73 4.60
C GLN B 194 -33.37 -0.71 3.80
N THR B 195 -33.38 0.03 2.69
CA THR B 195 -34.58 0.08 1.87
C THR B 195 -34.90 -1.29 1.29
N THR B 196 -33.89 -2.02 0.83
CA THR B 196 -34.13 -3.35 0.27
C THR B 196 -32.94 -4.25 0.59
N THR B 197 -33.21 -5.56 0.69
CA THR B 197 -32.16 -6.54 0.91
C THR B 197 -32.39 -7.73 -0.01
N PHE B 198 -31.31 -8.29 -0.55
CA PHE B 198 -31.34 -9.44 -1.43
C PHE B 198 -30.52 -10.55 -0.80
N THR B 199 -31.10 -11.74 -0.66
CA THR B 199 -30.49 -12.86 0.02
C THR B 199 -30.17 -13.97 -0.97
N GLY B 200 -29.04 -14.63 -0.76
CA GLY B 200 -28.64 -15.74 -1.61
C GLY B 200 -27.15 -15.96 -1.54
N HIS B 201 -26.64 -16.69 -2.53
CA HIS B 201 -25.22 -16.95 -2.75
C HIS B 201 -24.63 -17.96 -1.77
N THR B 202 -25.38 -18.32 -0.72
CA THR B 202 -25.01 -19.30 0.29
C THR B 202 -23.55 -19.20 0.70
N GLY B 203 -23.00 -18.00 0.70
CA GLY B 203 -21.60 -17.81 1.01
C GLY B 203 -21.22 -16.35 0.93
N ASP B 204 -19.91 -16.10 0.95
CA ASP B 204 -19.42 -14.74 0.91
C ASP B 204 -19.70 -14.08 -0.43
N VAL B 205 -19.83 -12.76 -0.42
CA VAL B 205 -20.00 -11.95 -1.63
C VAL B 205 -18.81 -11.02 -1.75
N MET B 206 -18.12 -11.05 -2.89
CA MET B 206 -16.83 -10.38 -2.99
C MET B 206 -16.74 -9.37 -4.12
N SER B 207 -17.83 -9.06 -4.81
CA SER B 207 -17.74 -8.16 -5.94
C SER B 207 -19.07 -7.48 -6.17
N LEU B 208 -19.02 -6.36 -6.90
CA LEU B 208 -20.22 -5.61 -7.26
C LEU B 208 -19.91 -4.76 -8.47
N SER B 209 -20.93 -4.49 -9.28
CA SER B 209 -20.81 -3.60 -10.42
C SER B 209 -22.20 -3.23 -10.89
N LEU B 210 -22.37 -1.96 -11.28
CA LEU B 210 -23.66 -1.43 -11.68
C LEU B 210 -23.72 -1.28 -13.19
N ALA B 211 -24.80 -1.75 -13.79
CA ALA B 211 -24.97 -1.62 -15.22
C ALA B 211 -25.18 -0.16 -15.59
N PRO B 212 -24.79 0.24 -16.81
CA PRO B 212 -25.05 1.63 -17.24
C PRO B 212 -26.53 1.98 -17.26
N ASP B 213 -27.41 1.01 -17.45
CA ASP B 213 -28.84 1.27 -17.35
C ASP B 213 -29.26 1.64 -15.93
N THR B 214 -28.47 1.27 -14.93
CA THR B 214 -28.75 1.56 -13.52
C THR B 214 -30.11 1.00 -13.10
N ARG B 215 -30.40 -0.21 -13.55
CA ARG B 215 -31.64 -0.88 -13.18
C ARG B 215 -31.34 -2.30 -12.70
N LEU B 216 -30.23 -2.86 -13.18
CA LEU B 216 -29.80 -4.21 -12.82
C LEU B 216 -28.33 -4.17 -12.43
N PHE B 217 -27.93 -5.09 -11.55
CA PHE B 217 -26.52 -5.18 -11.19
C PHE B 217 -26.17 -6.63 -10.86
N VAL B 218 -24.95 -7.02 -11.21
CA VAL B 218 -24.48 -8.38 -10.99
C VAL B 218 -23.66 -8.44 -9.70
N SER B 219 -23.63 -9.62 -9.10
CA SER B 219 -22.85 -9.85 -7.88
C SER B 219 -22.17 -11.21 -7.97
N GLY B 220 -20.92 -11.27 -7.53
CA GLY B 220 -20.13 -12.49 -7.55
C GLY B 220 -19.85 -12.97 -6.14
N ALA B 221 -19.98 -14.27 -5.94
CA ALA B 221 -19.88 -14.86 -4.61
C ALA B 221 -18.70 -15.81 -4.53
N CYS B 222 -18.38 -16.25 -3.32
CA CYS B 222 -17.39 -17.29 -3.10
C CYS B 222 -17.95 -18.68 -3.30
N ASP B 223 -19.23 -18.79 -3.64
CA ASP B 223 -19.86 -20.05 -3.99
C ASP B 223 -19.65 -20.43 -5.46
N ALA B 224 -18.83 -19.67 -6.17
CA ALA B 224 -18.64 -19.82 -7.61
C ALA B 224 -19.95 -19.56 -8.36
N SER B 225 -20.56 -18.41 -8.06
CA SER B 225 -21.84 -18.04 -8.67
C SER B 225 -21.88 -16.53 -8.88
N ALA B 226 -22.38 -16.14 -10.06
CA ALA B 226 -22.61 -14.73 -10.39
C ALA B 226 -24.08 -14.56 -10.71
N LYS B 227 -24.75 -13.68 -9.97
CA LYS B 227 -26.19 -13.50 -10.10
C LYS B 227 -26.52 -12.10 -10.59
N LEU B 228 -27.63 -11.98 -11.32
CA LEU B 228 -28.09 -10.73 -11.89
C LEU B 228 -29.28 -10.21 -11.07
N TRP B 229 -28.99 -9.38 -10.07
CA TRP B 229 -30.04 -8.83 -9.21
C TRP B 229 -30.74 -7.65 -9.89
N ASP B 230 -32.04 -7.55 -9.64
CA ASP B 230 -32.88 -6.48 -10.15
C ASP B 230 -33.11 -5.46 -9.04
N VAL B 231 -32.77 -4.20 -9.30
CA VAL B 231 -32.90 -3.17 -8.28
C VAL B 231 -34.37 -2.89 -7.97
N ARG B 232 -35.18 -2.74 -9.02
CA ARG B 232 -36.56 -2.25 -8.83
C ARG B 232 -37.41 -3.28 -8.10
N GLU B 233 -37.33 -4.55 -8.51
CA GLU B 233 -38.19 -5.58 -7.92
C GLU B 233 -37.66 -6.05 -6.57
N GLY B 234 -36.45 -6.61 -6.56
CA GLY B 234 -35.87 -7.09 -5.32
C GLY B 234 -35.68 -8.60 -5.28
N MET B 235 -35.45 -9.21 -6.44
CA MET B 235 -35.28 -10.64 -6.53
C MET B 235 -34.29 -10.97 -7.63
N CYS B 236 -33.64 -12.12 -7.50
CA CYS B 236 -32.71 -12.57 -8.52
C CYS B 236 -33.47 -13.01 -9.77
N ARG B 237 -32.84 -12.83 -10.92
CA ARG B 237 -33.44 -13.19 -12.21
C ARG B 237 -32.67 -14.25 -12.97
N GLN B 238 -31.33 -14.16 -12.99
CA GLN B 238 -30.51 -15.15 -13.66
C GLN B 238 -29.27 -15.43 -12.80
N THR B 239 -28.77 -16.66 -12.92
CA THR B 239 -27.56 -17.09 -12.22
C THR B 239 -26.65 -17.82 -13.18
N PHE B 240 -25.34 -17.61 -13.00
CA PHE B 240 -24.31 -18.22 -13.84
C PHE B 240 -23.29 -18.90 -12.96
N THR B 241 -22.85 -20.08 -13.38
CA THR B 241 -21.96 -20.93 -12.59
C THR B 241 -20.73 -21.30 -13.39
N GLY B 242 -19.65 -21.57 -12.68
CA GLY B 242 -18.40 -21.98 -13.29
C GLY B 242 -17.23 -21.63 -12.38
N HIS B 243 -16.04 -21.61 -12.99
CA HIS B 243 -14.79 -21.16 -12.38
C HIS B 243 -14.22 -22.15 -11.37
N GLU B 244 -14.96 -23.18 -11.02
CA GLU B 244 -14.51 -24.28 -10.17
C GLU B 244 -13.99 -23.82 -8.81
N SER B 245 -14.09 -22.54 -8.48
CA SER B 245 -13.45 -21.99 -7.30
C SER B 245 -14.05 -20.61 -7.02
N ASP B 246 -13.40 -19.86 -6.13
CA ASP B 246 -13.94 -18.59 -5.66
C ASP B 246 -13.99 -17.55 -6.78
N ILE B 247 -14.77 -16.51 -6.55
CA ILE B 247 -14.86 -15.35 -7.43
C ILE B 247 -14.60 -14.10 -6.59
N ASN B 248 -13.67 -13.26 -7.05
CA ASN B 248 -13.36 -12.04 -6.31
C ASN B 248 -13.16 -10.83 -7.22
N ALA B 249 -13.74 -10.85 -8.42
CA ALA B 249 -13.67 -9.69 -9.31
C ALA B 249 -14.68 -9.83 -10.44
N ILE B 250 -15.46 -8.78 -10.69
CA ILE B 250 -16.45 -8.79 -11.76
C ILE B 250 -16.53 -7.40 -12.37
N CYS B 251 -16.89 -7.35 -13.65
CA CYS B 251 -17.03 -6.06 -14.33
C CYS B 251 -17.98 -6.23 -15.51
N PHE B 252 -18.55 -5.11 -15.94
CA PHE B 252 -19.53 -5.11 -17.02
C PHE B 252 -18.88 -4.85 -18.37
N PHE B 253 -19.70 -4.95 -19.42
CA PHE B 253 -19.40 -4.66 -20.81
C PHE B 253 -20.10 -3.36 -21.21
N PRO B 254 -19.48 -2.51 -22.02
CA PRO B 254 -20.09 -1.22 -22.35
C PRO B 254 -21.47 -1.35 -23.00
N ASN B 255 -21.71 -2.43 -23.74
CA ASN B 255 -23.04 -2.64 -24.30
C ASN B 255 -24.08 -2.81 -23.19
N GLY B 256 -23.73 -3.56 -22.14
CA GLY B 256 -24.66 -3.87 -21.08
C GLY B 256 -25.30 -5.24 -21.18
N ASN B 257 -24.88 -6.08 -22.12
CA ASN B 257 -25.45 -7.40 -22.31
C ASN B 257 -24.43 -8.51 -22.11
N ALA B 258 -23.32 -8.22 -21.43
CA ALA B 258 -22.30 -9.21 -21.13
C ALA B 258 -21.48 -8.71 -19.96
N PHE B 259 -20.77 -9.64 -19.31
CA PHE B 259 -19.89 -9.21 -18.23
C PHE B 259 -18.78 -10.24 -18.02
N ALA B 260 -17.67 -9.76 -17.47
CA ALA B 260 -16.47 -10.56 -17.26
C ALA B 260 -16.25 -10.83 -15.78
N THR B 261 -15.75 -12.03 -15.48
CA THR B 261 -15.57 -12.47 -14.10
C THR B 261 -14.20 -13.12 -13.95
N GLY B 262 -13.46 -12.70 -12.93
CA GLY B 262 -12.20 -13.33 -12.57
C GLY B 262 -12.39 -14.28 -11.39
N SER B 263 -11.45 -15.21 -11.24
CA SER B 263 -11.60 -16.28 -10.28
C SER B 263 -10.29 -16.51 -9.54
N ASP B 264 -10.32 -17.46 -8.59
CA ASP B 264 -9.13 -17.77 -7.81
C ASP B 264 -8.11 -18.56 -8.63
N ASP B 265 -8.57 -19.42 -9.53
CA ASP B 265 -7.67 -20.09 -10.45
C ASP B 265 -7.29 -19.11 -11.56
N ALA B 266 -6.59 -19.59 -12.58
CA ALA B 266 -6.02 -18.69 -13.58
C ALA B 266 -7.04 -18.18 -14.59
N THR B 267 -8.25 -18.71 -14.61
CA THR B 267 -9.20 -18.42 -15.69
C THR B 267 -9.96 -17.12 -15.44
N CYS B 268 -10.25 -16.41 -16.53
CA CYS B 268 -11.21 -15.31 -16.54
C CYS B 268 -12.25 -15.62 -17.60
N ARG B 269 -13.53 -15.47 -17.25
CA ARG B 269 -14.59 -15.89 -18.16
C ARG B 269 -15.46 -14.70 -18.58
N LEU B 270 -15.98 -14.78 -19.79
CA LEU B 270 -16.93 -13.79 -20.32
C LEU B 270 -18.29 -14.45 -20.44
N PHE B 271 -19.28 -13.91 -19.73
CA PHE B 271 -20.63 -14.45 -19.72
C PHE B 271 -21.57 -13.54 -20.48
N ASP B 272 -22.45 -14.14 -21.27
CA ASP B 272 -23.50 -13.43 -21.98
C ASP B 272 -24.72 -13.30 -21.10
N LEU B 273 -25.41 -12.17 -21.22
CA LEU B 273 -26.58 -11.89 -20.38
C LEU B 273 -27.90 -12.27 -21.04
N ARG B 274 -28.05 -12.01 -22.35
CA ARG B 274 -29.29 -12.36 -23.03
C ARG B 274 -29.48 -13.87 -23.06
N ALA B 275 -28.42 -14.61 -23.34
CA ALA B 275 -28.44 -16.08 -23.27
C ALA B 275 -27.50 -16.50 -22.15
N ASP B 276 -28.02 -17.24 -21.18
CA ASP B 276 -27.25 -17.61 -19.98
C ASP B 276 -26.28 -18.74 -20.34
N GLN B 277 -25.21 -18.35 -21.04
CA GLN B 277 -24.19 -19.29 -21.48
C GLN B 277 -22.81 -18.82 -21.03
N GLU B 278 -21.77 -19.45 -21.54
CA GLU B 278 -20.39 -19.00 -21.35
C GLU B 278 -19.75 -18.86 -22.72
N LEU B 279 -19.20 -17.67 -23.00
CA LEU B 279 -18.70 -17.38 -24.33
C LEU B 279 -17.23 -17.77 -24.49
N MET B 280 -16.34 -17.24 -23.63
CA MET B 280 -14.93 -17.52 -23.74
C MET B 280 -14.28 -17.56 -22.36
N THR B 281 -13.15 -18.26 -22.30
CA THR B 281 -12.33 -18.37 -21.11
C THR B 281 -10.88 -18.08 -21.47
N TYR B 282 -10.22 -17.28 -20.62
CA TYR B 282 -8.84 -16.86 -20.84
C TYR B 282 -7.99 -17.45 -19.71
N SER B 283 -6.97 -18.22 -20.09
CA SER B 283 -6.03 -18.81 -19.16
C SER B 283 -4.87 -19.40 -19.95
N HIS B 284 -3.68 -19.35 -19.37
CA HIS B 284 -2.49 -19.90 -19.99
C HIS B 284 -1.95 -21.06 -19.15
N ASP B 285 -1.31 -22.01 -19.83
CA ASP B 285 -0.86 -23.23 -19.16
C ASP B 285 0.24 -22.97 -18.14
N ASN B 286 0.94 -21.84 -18.22
CA ASN B 286 2.02 -21.54 -17.29
C ASN B 286 1.60 -20.55 -16.21
N ILE B 287 0.30 -20.27 -16.09
CA ILE B 287 -0.22 -19.37 -15.07
C ILE B 287 -0.85 -20.20 -13.97
N ILE B 288 -0.41 -19.98 -12.73
CA ILE B 288 -0.91 -20.74 -11.59
C ILE B 288 -1.38 -19.78 -10.50
N CYS B 289 -1.47 -18.50 -10.83
CA CYS B 289 -1.82 -17.48 -9.86
C CYS B 289 -3.32 -17.21 -9.90
N GLY B 290 -3.76 -16.18 -9.17
CA GLY B 290 -5.17 -15.83 -9.12
C GLY B 290 -5.45 -14.41 -9.54
N ILE B 291 -6.70 -14.14 -9.92
CA ILE B 291 -7.10 -12.84 -10.45
C ILE B 291 -7.70 -12.02 -9.33
N THR B 292 -7.35 -10.74 -9.28
CA THR B 292 -7.80 -9.84 -8.22
C THR B 292 -8.79 -8.78 -8.69
N SER B 293 -8.58 -8.21 -9.87
CA SER B 293 -9.50 -7.18 -10.37
C SER B 293 -9.56 -7.27 -11.89
N VAL B 294 -10.73 -6.92 -12.43
CA VAL B 294 -10.98 -6.97 -13.87
C VAL B 294 -11.77 -5.72 -14.27
N SER B 295 -11.39 -5.12 -15.40
CA SER B 295 -12.12 -3.98 -15.94
C SER B 295 -11.90 -3.90 -17.44
N PHE B 296 -12.97 -3.56 -18.15
CA PHE B 296 -12.92 -3.46 -19.61
C PHE B 296 -12.29 -2.14 -20.04
N SER B 297 -12.32 -1.86 -21.33
CA SER B 297 -11.90 -0.59 -21.91
C SER B 297 -13.12 0.16 -22.41
N LYS B 298 -12.90 1.38 -22.90
CA LYS B 298 -14.01 2.18 -23.42
C LYS B 298 -14.66 1.52 -24.62
N SER B 299 -13.86 0.97 -25.53
CA SER B 299 -14.39 0.24 -26.67
C SER B 299 -14.64 -1.22 -26.37
N GLY B 300 -14.31 -1.68 -25.18
CA GLY B 300 -14.52 -3.06 -24.80
C GLY B 300 -13.69 -4.08 -25.56
N ARG B 301 -12.42 -3.80 -25.78
CA ARG B 301 -11.54 -4.76 -26.45
C ARG B 301 -10.17 -4.77 -25.79
N LEU B 302 -10.11 -4.65 -24.46
CA LEU B 302 -8.83 -4.83 -23.78
C LEU B 302 -8.87 -5.73 -22.54
N LEU B 303 -9.99 -5.84 -21.84
CA LEU B 303 -10.17 -6.74 -20.69
C LEU B 303 -8.91 -6.81 -19.81
N LEU B 304 -8.50 -5.65 -19.31
CA LEU B 304 -7.34 -5.61 -18.43
C LEU B 304 -7.63 -6.38 -17.15
N ALA B 305 -6.69 -7.23 -16.73
CA ALA B 305 -6.89 -8.08 -15.57
C ALA B 305 -5.63 -8.09 -14.72
N GLY B 306 -5.80 -7.94 -13.41
CA GLY B 306 -4.71 -8.09 -12.47
C GLY B 306 -4.43 -9.55 -12.20
N TYR B 307 -3.38 -9.79 -11.40
CA TYR B 307 -3.01 -11.16 -11.06
C TYR B 307 -2.35 -11.19 -9.69
N ASP B 308 -2.36 -12.39 -9.09
CA ASP B 308 -1.75 -12.56 -7.78
C ASP B 308 -0.25 -12.30 -7.82
N ASP B 309 0.42 -12.77 -8.87
CA ASP B 309 1.82 -12.43 -9.05
C ASP B 309 1.94 -10.96 -9.43
N PHE B 310 3.18 -10.50 -9.57
CA PHE B 310 3.44 -9.07 -9.64
C PHE B 310 3.03 -8.45 -10.98
N ASN B 311 2.76 -9.27 -12.00
CA ASN B 311 2.49 -8.76 -13.34
C ASN B 311 1.01 -8.40 -13.48
N CYS B 312 0.61 -8.06 -14.71
CA CYS B 312 -0.78 -7.75 -15.03
C CYS B 312 -0.94 -7.87 -16.53
N ASN B 313 -1.76 -8.81 -16.98
CA ASN B 313 -1.86 -9.09 -18.41
C ASN B 313 -3.01 -8.32 -19.05
N VAL B 314 -2.98 -8.25 -20.38
CA VAL B 314 -3.98 -7.56 -21.18
C VAL B 314 -4.44 -8.52 -22.27
N TRP B 315 -5.73 -8.82 -22.31
CA TRP B 315 -6.29 -9.81 -23.21
C TRP B 315 -7.10 -9.14 -24.31
N ASP B 316 -7.04 -9.70 -25.52
CA ASP B 316 -7.91 -9.29 -26.60
C ASP B 316 -9.26 -9.96 -26.40
N ALA B 317 -10.30 -9.14 -26.16
CA ALA B 317 -11.57 -9.68 -25.71
C ALA B 317 -12.21 -10.59 -26.75
N LEU B 318 -12.19 -10.17 -28.02
CA LEU B 318 -12.90 -10.94 -29.03
C LEU B 318 -12.18 -12.23 -29.41
N LYS B 319 -10.85 -12.21 -29.50
CA LYS B 319 -10.07 -13.42 -29.74
C LYS B 319 -9.11 -13.60 -28.58
N ALA B 320 -9.15 -14.77 -27.94
CA ALA B 320 -8.37 -15.04 -26.72
C ALA B 320 -6.90 -15.24 -27.08
N ASP B 321 -6.27 -14.14 -27.48
CA ASP B 321 -4.83 -14.08 -27.72
C ASP B 321 -4.27 -12.96 -26.85
N ARG B 322 -3.55 -13.33 -25.79
CA ARG B 322 -2.90 -12.35 -24.94
C ARG B 322 -1.99 -11.44 -25.77
N ALA B 323 -2.07 -10.15 -25.49
CA ALA B 323 -1.33 -9.13 -26.21
C ALA B 323 -0.80 -8.11 -25.21
N GLY B 324 0.53 -8.10 -25.03
CA GLY B 324 1.16 -7.12 -24.17
C GLY B 324 1.03 -7.40 -22.69
N VAL B 325 1.95 -6.85 -21.90
CA VAL B 325 1.98 -7.04 -20.46
C VAL B 325 2.39 -5.71 -19.83
N LEU B 326 1.94 -5.49 -18.59
CA LEU B 326 2.36 -4.34 -17.80
C LEU B 326 3.39 -4.78 -16.78
N ALA B 327 4.39 -3.92 -16.56
CA ALA B 327 5.52 -4.28 -15.70
C ALA B 327 5.04 -4.64 -14.29
N GLY B 328 4.12 -3.87 -13.75
CA GLY B 328 3.55 -4.19 -12.45
C GLY B 328 4.45 -3.76 -11.30
N HIS B 329 3.93 -3.98 -10.09
CA HIS B 329 4.60 -3.56 -8.86
C HIS B 329 5.35 -4.74 -8.26
N ASP B 330 5.76 -4.60 -6.99
CA ASP B 330 6.59 -5.60 -6.36
C ASP B 330 5.83 -6.60 -5.50
N ASN B 331 4.64 -6.25 -5.01
CA ASN B 331 3.91 -7.12 -4.09
C ASN B 331 2.70 -7.78 -4.74
N ARG B 332 1.76 -7.00 -5.27
CA ARG B 332 0.54 -7.54 -5.84
C ARG B 332 -0.20 -6.41 -6.54
N VAL B 333 -1.31 -6.75 -7.18
CA VAL B 333 -2.18 -5.79 -7.85
C VAL B 333 -3.56 -5.94 -7.24
N SER B 334 -3.97 -4.98 -6.41
CA SER B 334 -5.26 -5.06 -5.73
C SER B 334 -6.39 -4.61 -6.64
N CYS B 335 -6.36 -3.36 -7.09
CA CYS B 335 -7.44 -2.78 -7.86
C CYS B 335 -6.90 -2.15 -9.12
N LEU B 336 -7.61 -2.34 -10.23
CA LEU B 336 -7.23 -1.81 -11.53
C LEU B 336 -8.43 -1.13 -12.16
N GLY B 337 -8.28 0.14 -12.52
CA GLY B 337 -9.41 0.91 -13.03
C GLY B 337 -9.13 1.68 -14.31
N VAL B 338 -10.05 1.59 -15.27
CA VAL B 338 -9.95 2.32 -16.52
C VAL B 338 -10.87 3.53 -16.44
N THR B 339 -10.34 4.70 -16.76
CA THR B 339 -11.10 5.94 -16.65
C THR B 339 -12.24 5.96 -17.65
N ASP B 340 -13.23 6.82 -17.36
CA ASP B 340 -14.40 6.93 -18.23
C ASP B 340 -14.07 7.51 -19.59
N ASP B 341 -12.93 8.18 -19.74
CA ASP B 341 -12.51 8.72 -21.02
C ASP B 341 -11.68 7.73 -21.82
N GLY B 342 -11.17 6.68 -21.20
CA GLY B 342 -10.45 5.64 -21.91
C GLY B 342 -8.99 5.92 -22.18
N MET B 343 -8.42 6.99 -21.61
CA MET B 343 -7.04 7.37 -21.89
C MET B 343 -6.11 7.18 -20.69
N ALA B 344 -6.53 6.44 -19.66
CA ALA B 344 -5.68 6.21 -18.51
C ALA B 344 -6.08 4.90 -17.84
N VAL B 345 -5.09 4.23 -17.24
CA VAL B 345 -5.33 3.03 -16.45
C VAL B 345 -4.59 3.18 -15.12
N ALA B 346 -5.33 3.12 -14.02
CA ALA B 346 -4.75 3.28 -12.69
C ALA B 346 -4.63 1.92 -12.03
N THR B 347 -3.45 1.63 -11.49
CA THR B 347 -3.19 0.37 -10.81
C THR B 347 -2.65 0.64 -9.42
N GLY B 348 -3.32 0.08 -8.41
CA GLY B 348 -2.83 0.08 -7.06
C GLY B 348 -2.00 -1.17 -6.77
N SER B 349 -1.48 -1.24 -5.55
CA SER B 349 -0.63 -2.35 -5.18
C SER B 349 -0.50 -2.44 -3.66
N TRP B 350 0.00 -3.58 -3.19
CA TRP B 350 0.21 -3.75 -1.75
C TRP B 350 1.42 -3.00 -1.25
N ASP B 351 2.28 -2.50 -2.13
CA ASP B 351 3.20 -1.45 -1.77
C ASP B 351 2.55 -0.11 -2.12
N SER B 352 2.94 0.94 -1.38
CA SER B 352 2.17 2.18 -1.36
C SER B 352 2.05 2.85 -2.73
N PHE B 353 2.95 2.55 -3.66
CA PHE B 353 2.98 3.27 -4.92
C PHE B 353 1.77 2.91 -5.79
N LEU B 354 1.18 3.93 -6.41
CA LEU B 354 0.04 3.78 -7.30
C LEU B 354 0.43 4.35 -8.66
N LYS B 355 0.24 3.57 -9.72
CA LYS B 355 0.79 3.93 -11.03
C LYS B 355 -0.32 4.22 -12.02
N ILE B 356 -0.16 5.33 -12.77
CA ILE B 356 -1.06 5.68 -13.85
C ILE B 356 -0.34 5.43 -15.17
N TRP B 357 -0.88 4.51 -15.96
CA TRP B 357 -0.38 4.13 -17.27
C TRP B 357 -1.25 4.73 -18.36
N ASN B 358 -0.68 4.86 -19.54
CA ASN B 358 -1.40 5.39 -20.70
C ASN B 358 -0.72 4.96 -22.00
N ASP C 1 -22.28 29.15 10.85
CA ASP C 1 -22.28 30.60 10.79
C ASP C 1 -20.87 31.16 10.80
N VAL C 2 -20.37 31.54 9.63
CA VAL C 2 -19.03 32.10 9.51
C VAL C 2 -19.04 33.51 10.05
N GLN C 3 -18.09 33.81 10.96
CA GLN C 3 -17.98 35.12 11.57
C GLN C 3 -16.57 35.66 11.40
N LEU C 4 -16.47 36.88 10.87
CA LEU C 4 -15.22 37.61 10.75
C LEU C 4 -15.44 39.00 11.33
N VAL C 5 -14.84 39.29 12.47
CA VAL C 5 -15.01 40.57 13.16
C VAL C 5 -13.67 41.27 13.22
N GLU C 6 -13.63 42.53 12.81
CA GLU C 6 -12.38 43.27 12.73
C GLU C 6 -12.44 44.51 13.61
N SER C 7 -11.26 44.93 14.06
CA SER C 7 -11.16 46.07 14.96
C SER C 7 -9.79 46.73 14.81
N GLY C 8 -9.70 47.95 15.33
CA GLY C 8 -8.47 48.72 15.25
C GLY C 8 -8.68 50.08 14.61
N GLY C 9 -9.92 50.55 14.58
CA GLY C 9 -10.23 51.81 13.95
C GLY C 9 -9.92 53.01 14.82
N GLY C 10 -10.08 54.18 14.23
CA GLY C 10 -9.84 55.44 14.90
C GLY C 10 -9.23 56.44 13.94
N LEU C 11 -8.54 57.43 14.50
CA LEU C 11 -7.86 58.46 13.73
C LEU C 11 -6.37 58.42 14.04
N VAL C 12 -5.56 58.70 13.02
CA VAL C 12 -4.11 58.63 13.12
C VAL C 12 -3.52 59.97 12.72
N GLN C 13 -2.63 60.49 13.55
CA GLN C 13 -1.83 61.63 13.14
C GLN C 13 -0.76 61.17 12.14
N PRO C 14 -0.40 62.01 11.17
CA PRO C 14 0.61 61.60 10.18
C PRO C 14 1.94 61.27 10.84
N GLY C 15 2.59 60.23 10.32
CA GLY C 15 3.82 59.75 10.91
C GLY C 15 3.65 58.80 12.08
N GLY C 16 2.43 58.41 12.41
CA GLY C 16 2.16 57.52 13.52
C GLY C 16 2.21 56.06 13.12
N SER C 17 1.58 55.23 13.95
CA SER C 17 1.52 53.80 13.69
C SER C 17 0.27 53.23 14.36
N ARG C 18 -0.15 52.06 13.90
CA ARG C 18 -1.34 51.42 14.45
C ARG C 18 -1.30 49.93 14.13
N LYS C 19 -2.22 49.19 14.73
CA LYS C 19 -2.34 47.75 14.52
C LYS C 19 -3.81 47.39 14.42
N LEU C 20 -4.17 46.63 13.38
CA LEU C 20 -5.54 46.19 13.15
C LEU C 20 -5.62 44.68 13.26
N SER C 21 -6.76 44.19 13.78
CA SER C 21 -6.94 42.78 14.03
C SER C 21 -8.22 42.28 13.37
N CYS C 22 -8.16 41.04 12.90
CA CYS C 22 -9.30 40.35 12.28
C CYS C 22 -9.44 39.00 12.95
N SER C 23 -10.53 38.80 13.68
CA SER C 23 -10.79 37.56 14.41
C SER C 23 -11.82 36.74 13.66
N ALA C 24 -11.52 35.45 13.48
CA ALA C 24 -12.37 34.53 12.75
C ALA C 24 -12.94 33.49 13.70
N SER C 25 -14.20 33.11 13.48
CA SER C 25 -14.84 32.08 14.29
C SER C 25 -15.95 31.45 13.48
N GLY C 26 -15.90 30.14 13.31
CA GLY C 26 -16.92 29.43 12.57
C GLY C 26 -16.39 28.36 11.64
N PHE C 27 -15.17 28.53 11.16
CA PHE C 27 -14.56 27.59 10.21
C PHE C 27 -13.18 27.18 10.72
N ALA C 28 -12.49 26.39 9.90
CA ALA C 28 -11.14 25.93 10.23
C ALA C 28 -10.15 26.98 9.73
N PHE C 29 -9.57 27.75 10.65
CA PHE C 29 -8.71 28.86 10.30
C PHE C 29 -7.34 28.43 9.82
N SER C 30 -6.90 27.22 10.17
CA SER C 30 -5.54 26.80 9.87
C SER C 30 -5.31 26.46 8.40
N SER C 31 -6.36 26.38 7.59
CA SER C 31 -6.23 25.97 6.20
C SER C 31 -6.53 27.09 5.21
N PHE C 32 -6.94 28.26 5.68
CA PHE C 32 -7.36 29.35 4.81
C PHE C 32 -6.28 30.42 4.77
N GLY C 33 -5.78 30.72 3.57
CA GLY C 33 -4.86 31.83 3.40
C GLY C 33 -5.59 33.11 3.10
N MET C 34 -5.59 34.05 4.04
CA MET C 34 -6.47 35.21 3.97
C MET C 34 -5.76 36.41 3.37
N HIS C 35 -6.56 37.33 2.84
CA HIS C 35 -6.08 38.54 2.18
C HIS C 35 -6.46 39.77 3.01
N TRP C 36 -6.16 40.94 2.44
CA TRP C 36 -6.70 42.21 2.91
C TRP C 36 -7.15 43.00 1.70
N VAL C 37 -8.17 43.84 1.87
CA VAL C 37 -8.61 44.72 0.80
C VAL C 37 -8.87 46.11 1.38
N ARG C 38 -8.43 47.14 0.66
CA ARG C 38 -8.56 48.52 1.10
C ARG C 38 -9.42 49.28 0.09
N GLN C 39 -10.42 50.00 0.59
CA GLN C 39 -11.29 50.81 -0.26
C GLN C 39 -11.24 52.26 0.22
N ALA C 40 -10.72 53.14 -0.64
CA ALA C 40 -10.74 54.56 -0.35
C ALA C 40 -12.16 55.10 -0.49
N PRO C 41 -12.46 56.22 0.18
CA PRO C 41 -13.81 56.78 0.06
C PRO C 41 -14.15 57.14 -1.37
N GLU C 42 -15.32 56.68 -1.82
CA GLU C 42 -15.84 56.95 -3.16
C GLU C 42 -14.87 56.50 -4.25
N LYS C 43 -14.14 55.41 -4.01
CA LYS C 43 -13.19 54.86 -4.97
C LYS C 43 -13.39 53.36 -5.08
N GLY C 44 -12.69 52.77 -6.06
CA GLY C 44 -12.73 51.33 -6.24
C GLY C 44 -11.84 50.60 -5.25
N LEU C 45 -11.97 49.28 -5.26
CA LEU C 45 -11.21 48.46 -4.33
C LEU C 45 -9.73 48.43 -4.71
N GLU C 46 -8.88 48.20 -3.71
CA GLU C 46 -7.45 48.07 -3.89
C GLU C 46 -6.95 46.84 -3.13
N TRP C 47 -5.87 46.26 -3.62
CA TRP C 47 -5.24 45.11 -2.98
C TRP C 47 -4.00 45.61 -2.24
N VAL C 48 -3.92 45.28 -0.95
CA VAL C 48 -2.94 45.92 -0.08
C VAL C 48 -2.00 44.95 0.62
N ALA C 49 -2.38 43.68 0.80
CA ALA C 49 -1.54 42.75 1.54
C ALA C 49 -1.95 41.32 1.19
N TYR C 50 -1.30 40.37 1.85
CA TYR C 50 -1.61 38.95 1.68
C TYR C 50 -0.85 38.15 2.72
N ILE C 51 -1.40 36.98 3.06
CA ILE C 51 -0.71 35.99 3.87
C ILE C 51 -1.22 34.62 3.47
N SER C 52 -0.33 33.64 3.41
CA SER C 52 -0.67 32.31 2.95
C SER C 52 -0.74 31.33 4.12
N SER C 53 -1.27 30.15 3.84
CA SER C 53 -1.39 29.12 4.86
C SER C 53 0.00 28.61 5.23
N GLY C 54 0.26 28.54 6.54
CA GLY C 54 1.57 28.14 7.02
C GLY C 54 2.65 29.20 6.90
N SER C 55 2.28 30.42 6.53
CA SER C 55 3.23 31.53 6.39
C SER C 55 4.35 31.20 5.39
N GLY C 56 4.04 30.38 4.40
CA GLY C 56 5.04 30.02 3.41
C GLY C 56 5.46 31.19 2.54
N THR C 57 4.51 31.96 2.06
CA THR C 57 4.79 33.08 1.16
C THR C 57 3.98 34.30 1.57
N ILE C 58 4.59 35.47 1.47
CA ILE C 58 3.95 36.74 1.79
C ILE C 58 4.25 37.72 0.67
N TYR C 59 3.20 38.30 0.08
CA TYR C 59 3.33 39.28 -0.98
C TYR C 59 2.79 40.62 -0.51
N TYR C 60 3.15 41.68 -1.25
CA TYR C 60 2.69 43.02 -0.93
C TYR C 60 2.41 43.77 -2.23
N ALA C 61 2.02 45.04 -2.09
CA ALA C 61 1.83 45.94 -3.23
C ALA C 61 3.03 46.87 -3.31
N ASP C 62 3.44 47.19 -4.55
CA ASP C 62 4.64 47.97 -4.75
C ASP C 62 4.53 49.38 -4.19
N THR C 63 3.32 49.89 -3.99
CA THR C 63 3.13 51.19 -3.37
C THR C 63 3.09 51.13 -1.85
N VAL C 64 3.16 49.93 -1.27
CA VAL C 64 3.09 49.78 0.18
C VAL C 64 4.28 49.02 0.76
N LYS C 65 5.04 48.28 -0.05
CA LYS C 65 6.13 47.45 0.46
C LYS C 65 7.14 48.30 1.23
N GLY C 66 7.53 47.81 2.41
CA GLY C 66 8.49 48.48 3.25
C GLY C 66 7.93 49.28 4.41
N ARG C 67 6.61 49.34 4.54
CA ARG C 67 5.98 50.08 5.64
C ARG C 67 4.99 49.28 6.46
N PHE C 68 4.42 48.20 5.91
CA PHE C 68 3.43 47.39 6.61
C PHE C 68 4.05 46.07 7.05
N THR C 69 3.32 45.34 7.88
CA THR C 69 3.65 43.96 8.17
C THR C 69 2.38 43.20 8.52
N ILE C 70 2.32 41.93 8.13
CA ILE C 70 1.14 41.10 8.31
C ILE C 70 1.57 39.78 8.94
N SER C 71 0.77 39.29 9.88
CA SER C 71 1.10 38.06 10.58
C SER C 71 -0.16 37.39 11.12
N ARG C 72 -0.28 36.09 10.93
CA ARG C 72 -1.42 35.33 11.39
C ARG C 72 -1.03 34.44 12.56
N ASP C 73 -2.00 34.20 13.45
CA ASP C 73 -1.80 33.33 14.61
C ASP C 73 -2.96 32.35 14.66
N ASP C 74 -2.67 31.08 14.32
CA ASP C 74 -3.70 30.04 14.38
C ASP C 74 -4.17 29.75 15.79
N PRO C 75 -3.30 29.56 16.80
CA PRO C 75 -3.81 29.23 18.13
C PRO C 75 -4.80 30.24 18.69
N LYS C 76 -4.58 31.53 18.44
CA LYS C 76 -5.53 32.55 18.84
C LYS C 76 -6.56 32.86 17.77
N ASN C 77 -6.43 32.28 16.58
CA ASN C 77 -7.33 32.51 15.45
C ASN C 77 -7.47 34.01 15.18
N THR C 78 -6.34 34.65 14.90
CA THR C 78 -6.37 36.10 14.73
C THR C 78 -5.32 36.54 13.70
N LEU C 79 -5.73 37.46 12.83
CA LEU C 79 -4.84 38.04 11.82
C LEU C 79 -4.50 39.47 12.22
N PHE C 80 -3.22 39.81 12.20
CA PHE C 80 -2.73 41.11 12.63
C PHE C 80 -2.08 41.83 11.46
N LEU C 81 -2.40 43.10 11.30
CA LEU C 81 -1.74 43.98 10.32
C LEU C 81 -1.21 45.19 11.08
N GLN C 82 0.10 45.31 11.16
CA GLN C 82 0.73 46.46 11.80
C GLN C 82 1.19 47.44 10.73
N MET C 83 0.87 48.71 10.93
CA MET C 83 1.08 49.76 9.93
C MET C 83 1.92 50.86 10.56
N THR C 84 3.06 51.16 9.93
CA THR C 84 4.02 52.13 10.44
C THR C 84 4.32 53.17 9.36
N SER C 85 4.61 54.39 9.80
CA SER C 85 4.93 55.51 8.93
C SER C 85 3.80 55.77 7.93
N LEU C 86 2.63 56.11 8.48
CA LEU C 86 1.46 56.37 7.66
C LEU C 86 1.62 57.68 6.90
N ARG C 87 0.82 57.82 5.85
CA ARG C 87 0.79 59.01 5.02
C ARG C 87 -0.64 59.52 4.97
N SER C 88 -0.81 60.75 4.49
CA SER C 88 -2.12 61.38 4.46
C SER C 88 -3.07 60.72 3.47
N GLU C 89 -2.55 59.91 2.55
CA GLU C 89 -3.39 59.28 1.54
C GLU C 89 -3.87 57.88 1.92
N ASP C 90 -3.36 57.31 3.01
CA ASP C 90 -3.78 55.96 3.43
C ASP C 90 -4.94 56.02 4.41
N THR C 91 -6.00 56.73 4.04
CA THR C 91 -7.23 56.78 4.81
C THR C 91 -8.32 56.09 4.01
N ALA C 92 -8.88 55.01 4.56
CA ALA C 92 -9.79 54.15 3.80
C ALA C 92 -10.44 53.17 4.77
N MET C 93 -11.21 52.24 4.21
CA MET C 93 -11.88 51.19 4.97
C MET C 93 -11.31 49.84 4.58
N TYR C 94 -11.11 48.98 5.56
CA TYR C 94 -10.40 47.72 5.40
C TYR C 94 -11.34 46.53 5.54
N TYR C 95 -11.19 45.57 4.63
CA TYR C 95 -11.96 44.33 4.58
C TYR C 95 -11.02 43.14 4.74
N CYS C 96 -11.45 42.18 5.56
CA CYS C 96 -10.72 40.95 5.83
C CYS C 96 -11.34 39.84 4.98
N VAL C 97 -10.57 39.27 4.06
CA VAL C 97 -11.08 38.35 3.06
C VAL C 97 -10.35 37.02 3.18
N ARG C 98 -11.11 35.92 3.07
CA ARG C 98 -10.56 34.58 3.09
C ARG C 98 -10.47 34.02 1.69
N SER C 99 -9.70 32.94 1.54
CA SER C 99 -9.53 32.26 0.26
C SER C 99 -8.84 30.93 0.49
N ILE C 100 -9.32 29.89 -0.20
CA ILE C 100 -8.73 28.55 -0.14
C ILE C 100 -8.44 28.09 -1.57
N TYR C 101 -7.22 27.61 -1.80
CA TYR C 101 -6.75 27.31 -3.16
C TYR C 101 -6.52 25.81 -3.30
N TYR C 102 -7.34 25.17 -4.12
CA TYR C 102 -7.08 23.81 -4.61
C TYR C 102 -7.91 23.62 -5.87
N TYR C 103 -7.92 22.40 -6.41
CA TYR C 103 -8.62 22.14 -7.65
C TYR C 103 -10.13 22.15 -7.41
N GLY C 104 -10.84 23.02 -8.13
CA GLY C 104 -12.27 23.14 -7.98
C GLY C 104 -12.72 24.00 -6.82
N SER C 105 -11.80 24.67 -6.13
CA SER C 105 -12.15 25.49 -4.99
C SER C 105 -12.64 26.85 -5.47
N SER C 106 -12.83 27.78 -4.54
CA SER C 106 -13.27 29.13 -4.86
C SER C 106 -12.69 30.12 -3.86
N PRO C 107 -11.85 31.05 -4.29
CA PRO C 107 -11.31 32.06 -3.38
C PRO C 107 -12.24 33.26 -3.27
N PHE C 108 -11.94 34.12 -2.30
CA PHE C 108 -12.70 35.33 -2.04
C PHE C 108 -14.18 35.01 -1.77
N ASP C 109 -14.41 34.24 -0.72
CA ASP C 109 -15.77 33.77 -0.43
C ASP C 109 -16.51 34.69 0.54
N PHE C 110 -15.98 34.87 1.74
CA PHE C 110 -16.66 35.64 2.77
C PHE C 110 -15.84 36.88 3.09
N TRP C 111 -16.51 38.03 3.11
CA TRP C 111 -15.87 39.32 3.33
C TRP C 111 -16.29 39.88 4.68
N GLY C 112 -15.34 40.47 5.39
CA GLY C 112 -15.61 41.06 6.69
C GLY C 112 -16.45 42.31 6.57
N GLN C 113 -16.83 42.85 7.73
CA GLN C 113 -17.66 44.05 7.74
C GLN C 113 -16.85 45.28 7.34
N GLY C 114 -15.64 45.43 7.87
CA GLY C 114 -14.79 46.52 7.47
C GLY C 114 -14.58 47.59 8.52
N THR C 115 -13.33 47.95 8.78
CA THR C 115 -13.00 48.99 9.76
C THR C 115 -12.47 50.23 9.05
N THR C 116 -12.93 51.40 9.50
CA THR C 116 -12.52 52.66 8.90
C THR C 116 -11.25 53.19 9.56
N LEU C 117 -10.49 53.97 8.80
CA LEU C 117 -9.31 54.64 9.32
C LEU C 117 -9.11 55.94 8.54
N THR C 118 -9.20 57.06 9.24
CA THR C 118 -9.08 58.38 8.62
C THR C 118 -7.92 59.13 9.23
N VAL C 119 -7.13 59.78 8.39
CA VAL C 119 -5.98 60.56 8.85
C VAL C 119 -6.13 62.01 8.43
N GLY C 135 2.94 50.75 -14.12
CA GLY C 135 4.27 50.22 -14.41
C GLY C 135 4.25 48.91 -15.17
N SER C 136 3.72 47.87 -14.52
CA SER C 136 3.64 46.55 -15.16
C SER C 136 2.33 45.83 -14.88
N ASP C 137 1.38 46.47 -14.19
CA ASP C 137 0.12 45.82 -13.84
C ASP C 137 -0.84 45.82 -15.02
N ILE C 138 -1.92 45.06 -14.88
CA ILE C 138 -2.97 44.97 -15.88
C ILE C 138 -3.98 46.08 -15.62
N VAL C 139 -4.53 46.66 -16.69
CA VAL C 139 -5.38 47.83 -16.54
C VAL C 139 -6.69 47.48 -15.85
N MET C 140 -7.34 46.40 -16.28
CA MET C 140 -8.64 45.99 -15.76
C MET C 140 -9.65 47.13 -15.82
N THR C 141 -9.65 47.85 -16.93
CA THR C 141 -10.51 49.02 -17.08
C THR C 141 -11.89 48.61 -17.61
N GLN C 142 -12.89 49.39 -17.21
CA GLN C 142 -14.26 49.18 -17.68
C GLN C 142 -14.99 50.50 -17.62
N ALA C 143 -16.11 50.58 -18.35
CA ALA C 143 -16.89 51.81 -18.39
C ALA C 143 -17.56 52.04 -17.04
N THR C 144 -17.32 53.22 -16.48
CA THR C 144 -17.87 53.59 -15.17
C THR C 144 -19.19 54.34 -15.28
N SER C 145 -19.70 54.55 -16.49
CA SER C 145 -20.96 55.26 -16.65
C SER C 145 -22.12 54.44 -16.10
N SER C 146 -23.04 55.11 -15.42
CA SER C 146 -24.20 54.44 -14.85
C SER C 146 -25.09 53.90 -15.95
N VAL C 147 -25.64 52.71 -15.72
CA VAL C 147 -26.53 52.05 -16.67
C VAL C 147 -27.95 52.09 -16.08
N PRO C 148 -28.87 52.83 -16.66
CA PRO C 148 -30.25 52.82 -16.15
C PRO C 148 -30.88 51.43 -16.32
N VAL C 149 -31.69 51.05 -15.33
CA VAL C 149 -32.33 49.75 -15.31
C VAL C 149 -33.79 49.90 -14.91
N THR C 150 -34.59 48.91 -15.30
CA THR C 150 -36.01 48.83 -14.97
C THR C 150 -36.30 47.37 -14.68
N PRO C 151 -37.04 47.06 -13.60
CA PRO C 151 -37.34 45.66 -13.31
C PRO C 151 -38.07 44.99 -14.46
N GLY C 152 -37.70 43.74 -14.73
CA GLY C 152 -38.31 42.97 -15.80
C GLY C 152 -37.56 42.96 -17.11
N GLU C 153 -36.32 43.45 -17.15
CA GLU C 153 -35.53 43.45 -18.37
C GLU C 153 -34.11 42.98 -18.07
N SER C 154 -33.44 42.50 -19.10
CA SER C 154 -32.09 41.97 -18.98
C SER C 154 -31.06 43.04 -19.33
N VAL C 155 -29.92 43.00 -18.65
CA VAL C 155 -28.84 43.95 -18.84
C VAL C 155 -27.51 43.20 -18.97
N SER C 156 -26.52 43.90 -19.49
CA SER C 156 -25.18 43.34 -19.67
C SER C 156 -24.14 44.36 -19.24
N ILE C 157 -23.08 43.89 -18.60
CA ILE C 157 -21.98 44.71 -18.13
C ILE C 157 -20.68 44.18 -18.73
N SER C 158 -19.89 45.06 -19.32
CA SER C 158 -18.69 44.68 -20.04
C SER C 158 -17.44 44.83 -19.18
N CYS C 159 -16.39 44.11 -19.56
CA CYS C 159 -15.09 44.22 -18.93
C CYS C 159 -14.02 43.86 -19.96
N ARG C 160 -13.01 44.73 -20.08
CA ARG C 160 -11.96 44.56 -21.08
C ARG C 160 -10.60 44.61 -20.42
N SER C 161 -9.70 43.72 -20.85
CA SER C 161 -8.37 43.60 -20.28
C SER C 161 -7.32 43.99 -21.31
N SER C 162 -6.07 44.09 -20.85
CA SER C 162 -4.95 44.39 -21.73
C SER C 162 -4.23 43.12 -22.19
N LYS C 163 -3.92 42.23 -21.25
CA LYS C 163 -3.29 40.95 -21.55
C LYS C 163 -4.35 39.85 -21.52
N SER C 164 -4.26 38.94 -22.50
CA SER C 164 -5.21 37.83 -22.55
C SER C 164 -5.09 36.99 -21.29
N LEU C 165 -6.24 36.67 -20.69
CA LEU C 165 -6.28 35.96 -19.42
C LEU C 165 -6.42 34.44 -19.60
N LEU C 166 -6.42 33.94 -20.83
CA LEU C 166 -6.57 32.52 -21.06
C LEU C 166 -5.20 31.86 -20.93
N HIS C 167 -4.97 31.19 -19.80
CA HIS C 167 -3.71 30.51 -19.56
C HIS C 167 -3.67 29.18 -20.33
N SER C 168 -2.49 28.56 -20.34
CA SER C 168 -2.33 27.30 -21.06
C SER C 168 -3.16 26.18 -20.45
N ASN C 169 -3.46 26.26 -19.15
CA ASN C 169 -4.28 25.25 -18.49
C ASN C 169 -5.72 25.26 -18.98
N GLY C 170 -6.13 26.30 -19.72
CA GLY C 170 -7.49 26.43 -20.20
C GLY C 170 -8.38 27.29 -19.33
N ASN C 171 -7.99 27.52 -18.07
CA ASN C 171 -8.76 28.38 -17.19
C ASN C 171 -8.52 29.84 -17.56
N THR C 172 -9.51 30.67 -17.22
CA THR C 172 -9.40 32.13 -17.35
C THR C 172 -9.72 32.75 -16.01
N TYR C 173 -8.77 33.48 -15.45
CA TYR C 173 -8.86 33.98 -14.07
C TYR C 173 -9.45 35.39 -14.12
N LEU C 174 -10.77 35.48 -13.95
CA LEU C 174 -11.46 36.75 -13.95
C LEU C 174 -12.70 36.62 -13.08
N TYR C 175 -12.75 37.39 -12.00
CA TYR C 175 -13.82 37.30 -11.01
C TYR C 175 -14.74 38.52 -11.12
N TRP C 176 -15.99 38.33 -10.72
CA TRP C 176 -16.98 39.39 -10.66
C TRP C 176 -17.47 39.54 -9.23
N PHE C 177 -17.56 40.78 -8.76
CA PHE C 177 -18.01 41.06 -7.40
C PHE C 177 -19.17 42.05 -7.43
N LEU C 178 -20.14 41.85 -6.54
CA LEU C 178 -21.26 42.75 -6.38
C LEU C 178 -21.22 43.37 -4.99
N GLN C 179 -21.42 44.69 -4.92
CA GLN C 179 -21.50 45.39 -3.65
C GLN C 179 -22.80 46.18 -3.60
N ARG C 180 -23.61 45.92 -2.58
CA ARG C 180 -24.82 46.66 -2.33
C ARG C 180 -24.49 47.99 -1.64
N PRO C 181 -25.42 48.95 -1.65
CA PRO C 181 -25.09 50.27 -1.09
C PRO C 181 -24.65 50.24 0.37
N GLY C 182 -25.16 49.33 1.18
CA GLY C 182 -24.80 49.31 2.58
C GLY C 182 -24.39 47.96 3.12
N GLN C 183 -23.74 47.14 2.29
CA GLN C 183 -23.33 45.80 2.69
C GLN C 183 -21.94 45.52 2.15
N SER C 184 -21.29 44.53 2.76
CA SER C 184 -19.96 44.13 2.30
C SER C 184 -20.06 43.36 0.98
N PRO C 185 -19.03 43.43 0.14
CA PRO C 185 -19.08 42.75 -1.15
C PRO C 185 -19.14 41.23 -1.00
N GLN C 186 -19.78 40.59 -1.97
CA GLN C 186 -19.89 39.15 -2.03
C GLN C 186 -19.56 38.68 -3.44
N LEU C 187 -19.07 37.45 -3.55
CA LEU C 187 -18.61 36.89 -4.81
C LEU C 187 -19.78 36.26 -5.55
N LEU C 188 -20.02 36.70 -6.79
CA LEU C 188 -21.07 36.15 -7.63
C LEU C 188 -20.54 35.08 -8.58
N ILE C 189 -19.59 35.42 -9.43
CA ILE C 189 -19.06 34.53 -10.45
C ILE C 189 -17.56 34.45 -10.29
N TYR C 190 -17.04 33.26 -10.04
CA TYR C 190 -15.60 33.03 -9.98
C TYR C 190 -15.16 32.32 -11.25
N ARG C 191 -14.06 32.79 -11.84
CA ARG C 191 -13.63 32.39 -13.19
C ARG C 191 -14.78 32.76 -14.14
N MET C 192 -15.09 31.94 -15.13
CA MET C 192 -16.20 32.22 -16.03
C MET C 192 -17.19 31.07 -16.01
N SER C 193 -18.47 31.41 -16.12
CA SER C 193 -19.59 30.47 -16.17
C SER C 193 -19.72 29.63 -14.91
N ASN C 194 -19.07 30.01 -13.82
CA ASN C 194 -19.18 29.31 -12.55
C ASN C 194 -19.83 30.24 -11.53
N LEU C 195 -20.91 29.77 -10.91
CA LEU C 195 -21.68 30.56 -9.95
C LEU C 195 -21.43 30.06 -8.54
N ALA C 196 -21.13 30.98 -7.63
CA ALA C 196 -20.95 30.63 -6.24
C ALA C 196 -22.27 30.18 -5.62
N SER C 197 -22.17 29.27 -4.66
CA SER C 197 -23.37 28.72 -4.04
C SER C 197 -24.13 29.79 -3.28
N GLY C 198 -25.45 29.79 -3.43
CA GLY C 198 -26.34 30.70 -2.75
C GLY C 198 -26.94 31.77 -3.64
N VAL C 199 -26.27 32.10 -4.74
CA VAL C 199 -26.78 33.11 -5.66
C VAL C 199 -27.80 32.46 -6.59
N PRO C 200 -28.75 33.22 -7.14
CA PRO C 200 -29.71 32.61 -8.08
C PRO C 200 -29.07 32.25 -9.42
N ASP C 201 -29.83 31.62 -10.30
CA ASP C 201 -29.32 31.20 -11.60
C ASP C 201 -29.49 32.27 -12.67
N ARG C 202 -30.02 33.45 -12.33
CA ARG C 202 -30.20 34.50 -13.32
C ARG C 202 -28.87 35.01 -13.85
N PHE C 203 -27.89 35.18 -12.96
CA PHE C 203 -26.61 35.75 -13.37
C PHE C 203 -25.86 34.78 -14.28
N SER C 204 -25.23 35.33 -15.32
CA SER C 204 -24.44 34.53 -16.25
C SER C 204 -23.21 35.33 -16.67
N GLY C 205 -22.19 34.62 -17.13
CA GLY C 205 -20.97 35.26 -17.60
C GLY C 205 -20.39 34.59 -18.83
N SER C 206 -20.01 35.38 -19.83
CA SER C 206 -19.50 34.81 -21.07
C SER C 206 -18.57 35.80 -21.75
N GLY C 207 -17.69 35.28 -22.59
CA GLY C 207 -16.80 36.13 -23.34
C GLY C 207 -15.61 35.36 -23.86
N SER C 208 -14.79 36.06 -24.64
CA SER C 208 -13.59 35.51 -25.23
C SER C 208 -12.41 35.74 -24.28
N GLY C 209 -11.19 35.54 -24.78
CA GLY C 209 -10.01 35.68 -23.94
C GLY C 209 -9.78 37.09 -23.43
N THR C 210 -10.14 38.10 -24.23
CA THR C 210 -9.84 39.47 -23.88
C THR C 210 -11.06 40.30 -23.50
N ALA C 211 -12.26 39.88 -23.88
CA ALA C 211 -13.49 40.60 -23.57
C ALA C 211 -14.40 39.72 -22.74
N PHE C 212 -15.06 40.31 -21.75
CA PHE C 212 -15.93 39.56 -20.85
C PHE C 212 -17.21 40.34 -20.64
N THR C 213 -18.30 39.62 -20.36
CA THR C 213 -19.60 40.25 -20.20
C THR C 213 -20.42 39.45 -19.19
N LEU C 214 -21.00 40.16 -18.23
CA LEU C 214 -21.90 39.58 -17.25
C LEU C 214 -23.32 39.98 -17.61
N THR C 215 -24.18 38.98 -17.75
CA THR C 215 -25.56 39.18 -18.18
C THR C 215 -26.51 38.87 -17.02
N ILE C 216 -27.44 39.78 -16.76
CA ILE C 216 -28.46 39.62 -15.73
C ILE C 216 -29.82 39.58 -16.42
N SER C 217 -30.57 38.52 -16.17
CA SER C 217 -31.90 38.35 -16.74
C SER C 217 -32.93 38.29 -15.61
N ARG C 218 -34.14 38.79 -15.91
CA ARG C 218 -35.23 38.86 -14.93
C ARG C 218 -34.79 39.63 -13.69
N LEU C 219 -34.50 40.92 -13.91
CA LEU C 219 -33.95 41.76 -12.86
C LEU C 219 -34.95 41.93 -11.72
N GLU C 220 -34.43 41.98 -10.50
CA GLU C 220 -35.23 42.17 -9.29
C GLU C 220 -34.85 43.48 -8.61
N ALA C 221 -35.50 43.76 -7.48
CA ALA C 221 -35.31 45.03 -6.79
C ALA C 221 -34.02 45.09 -6.01
N GLU C 222 -33.52 43.95 -5.52
CA GLU C 222 -32.38 43.94 -4.62
C GLU C 222 -31.04 43.81 -5.35
N ASP C 223 -31.04 43.81 -6.68
CA ASP C 223 -29.81 43.65 -7.45
C ASP C 223 -29.13 44.97 -7.77
N VAL C 224 -29.66 46.09 -7.29
CA VAL C 224 -29.03 47.39 -7.53
C VAL C 224 -27.75 47.48 -6.72
N GLY C 225 -26.67 47.96 -7.36
CA GLY C 225 -25.40 48.07 -6.68
C GLY C 225 -24.28 48.33 -7.67
N VAL C 226 -23.06 48.05 -7.23
CA VAL C 226 -21.87 48.28 -8.03
C VAL C 226 -21.18 46.96 -8.32
N TYR C 227 -20.75 46.79 -9.57
CA TYR C 227 -20.14 45.55 -10.04
C TYR C 227 -18.67 45.80 -10.37
N TYR C 228 -17.81 44.87 -9.94
CA TYR C 228 -16.37 45.02 -10.04
C TYR C 228 -15.77 43.82 -10.76
N CYS C 229 -14.93 44.09 -11.75
CA CYS C 229 -14.16 43.08 -12.46
C CYS C 229 -12.86 42.81 -11.71
N MET C 230 -12.29 41.63 -11.93
CA MET C 230 -11.05 41.30 -11.26
C MET C 230 -10.29 40.25 -12.07
N GLN C 231 -8.95 40.28 -11.96
CA GLN C 231 -8.08 39.31 -12.59
C GLN C 231 -7.23 38.63 -11.53
N HIS C 232 -6.60 37.51 -11.91
CA HIS C 232 -5.74 36.79 -10.98
C HIS C 232 -4.47 36.22 -11.61
N LEU C 233 -4.19 36.48 -12.88
CA LEU C 233 -3.00 35.92 -13.53
C LEU C 233 -1.72 36.40 -12.86
N GLU C 234 -1.41 37.69 -12.99
CA GLU C 234 -0.29 38.27 -12.27
C GLU C 234 -0.68 38.50 -10.82
N TYR C 235 0.26 38.25 -9.91
CA TYR C 235 -0.13 38.25 -8.52
C TYR C 235 -0.50 39.64 -8.00
N PRO C 236 0.13 40.73 -8.45
CA PRO C 236 -0.44 42.05 -8.12
C PRO C 236 -1.81 42.19 -8.77
N LEU C 237 -2.85 42.20 -7.95
CA LEU C 237 -4.22 42.20 -8.44
C LEU C 237 -4.75 43.62 -8.54
N THR C 238 -5.56 43.87 -9.57
CA THR C 238 -6.15 45.18 -9.80
C THR C 238 -7.64 45.01 -10.02
N PHE C 239 -8.44 45.63 -9.15
CA PHE C 239 -9.88 45.63 -9.32
C PHE C 239 -10.28 46.67 -10.36
N GLY C 240 -11.51 46.56 -10.85
CA GLY C 240 -12.02 47.48 -11.84
C GLY C 240 -12.51 48.77 -11.23
N ALA C 241 -12.97 49.67 -12.12
CA ALA C 241 -13.51 50.94 -11.66
C ALA C 241 -14.87 50.75 -10.99
N GLY C 242 -15.68 49.83 -11.50
CA GLY C 242 -16.98 49.58 -10.92
C GLY C 242 -18.12 50.22 -11.69
N THR C 243 -19.11 49.42 -12.09
CA THR C 243 -20.27 49.90 -12.83
C THR C 243 -21.47 49.91 -11.91
N LYS C 244 -22.20 51.02 -11.90
CA LYS C 244 -23.32 51.21 -10.99
C LYS C 244 -24.64 50.99 -11.71
N LEU C 245 -25.57 50.30 -11.03
CA LEU C 245 -26.94 50.14 -11.52
C LEU C 245 -27.87 50.90 -10.59
N GLU C 246 -28.68 51.79 -11.16
CA GLU C 246 -29.57 52.65 -10.40
C GLU C 246 -30.95 52.67 -11.04
N LEU C 247 -31.96 52.95 -10.22
CA LEU C 247 -33.35 53.03 -10.65
C LEU C 247 -33.80 51.74 -11.34
N THR D 6 -36.61 -28.49 9.78
CA THR D 6 -37.73 -27.69 9.33
C THR D 6 -37.27 -26.58 8.40
N ALA D 7 -36.16 -25.93 8.76
CA ALA D 7 -35.62 -24.86 7.93
C ALA D 7 -35.11 -25.39 6.59
N SER D 8 -34.58 -26.62 6.57
CA SER D 8 -34.10 -27.20 5.33
C SER D 8 -35.23 -27.39 4.33
N ILE D 9 -36.42 -27.78 4.81
CA ILE D 9 -37.56 -27.94 3.92
C ILE D 9 -37.94 -26.61 3.28
N ALA D 10 -37.97 -25.54 4.08
CA ALA D 10 -38.29 -24.23 3.53
C ALA D 10 -37.21 -23.76 2.55
N GLN D 11 -35.94 -24.03 2.85
CA GLN D 11 -34.87 -23.68 1.93
C GLN D 11 -35.02 -24.41 0.60
N ALA D 12 -35.35 -25.70 0.66
CA ALA D 12 -35.56 -26.48 -0.56
C ALA D 12 -36.76 -25.96 -1.35
N ARG D 13 -37.84 -25.58 -0.64
CA ARG D 13 -39.00 -24.99 -1.32
C ARG D 13 -38.62 -23.71 -2.04
N LYS D 14 -37.86 -22.84 -1.37
CA LYS D 14 -37.43 -21.59 -2.00
C LYS D 14 -36.54 -21.85 -3.20
N LEU D 15 -35.62 -22.83 -3.08
CA LEU D 15 -34.74 -23.15 -4.20
C LEU D 15 -35.53 -23.69 -5.39
N VAL D 16 -36.52 -24.55 -5.13
CA VAL D 16 -37.34 -25.10 -6.20
C VAL D 16 -38.14 -23.99 -6.88
N GLU D 17 -38.71 -23.09 -6.09
CA GLU D 17 -39.45 -21.97 -6.67
C GLU D 17 -38.55 -21.08 -7.52
N GLN D 18 -37.34 -20.80 -7.04
CA GLN D 18 -36.41 -19.97 -7.80
C GLN D 18 -36.02 -20.66 -9.10
N LEU D 19 -35.76 -21.97 -9.06
CA LEU D 19 -35.43 -22.70 -10.28
C LEU D 19 -36.58 -22.68 -11.27
N LYS D 20 -37.81 -22.88 -10.78
CA LYS D 20 -38.97 -22.85 -11.67
C LYS D 20 -39.13 -21.48 -12.32
N MET D 21 -38.95 -20.42 -11.53
CA MET D 21 -39.04 -19.07 -12.10
C MET D 21 -37.95 -18.81 -13.12
N GLU D 22 -36.73 -19.30 -12.84
CA GLU D 22 -35.61 -19.08 -13.76
C GLU D 22 -35.77 -19.85 -15.05
N ALA D 23 -36.40 -21.04 -15.00
CA ALA D 23 -36.50 -21.88 -16.19
C ALA D 23 -37.37 -21.26 -17.28
N ASN D 24 -38.16 -20.24 -16.96
CA ASN D 24 -39.08 -19.64 -17.93
C ASN D 24 -38.49 -18.46 -18.68
N ILE D 25 -37.22 -18.14 -18.46
CA ILE D 25 -36.61 -16.98 -19.12
C ILE D 25 -36.33 -17.31 -20.58
N ASP D 26 -36.77 -16.44 -21.48
CA ASP D 26 -36.53 -16.64 -22.90
C ASP D 26 -35.06 -16.45 -23.24
N ARG D 27 -34.63 -17.10 -24.31
CA ARG D 27 -33.23 -17.09 -24.72
C ARG D 27 -33.13 -16.86 -26.23
N ILE D 28 -31.93 -16.49 -26.67
CA ILE D 28 -31.65 -16.25 -28.08
C ILE D 28 -30.39 -17.02 -28.47
N LYS D 29 -30.20 -17.19 -29.77
CA LYS D 29 -29.07 -17.96 -30.28
C LYS D 29 -27.75 -17.31 -29.90
N VAL D 30 -26.74 -18.15 -29.65
CA VAL D 30 -25.42 -17.65 -29.30
C VAL D 30 -24.80 -16.88 -30.46
N SER D 31 -25.07 -17.31 -31.69
CA SER D 31 -24.47 -16.64 -32.85
C SER D 31 -24.94 -15.19 -32.95
N LYS D 32 -26.21 -14.93 -32.63
CA LYS D 32 -26.70 -13.56 -32.64
C LYS D 32 -25.98 -12.70 -31.60
N ALA D 33 -25.77 -13.23 -30.40
CA ALA D 33 -25.05 -12.48 -29.37
C ALA D 33 -23.62 -12.22 -29.80
N ALA D 34 -22.96 -13.23 -30.40
CA ALA D 34 -21.59 -13.04 -30.85
C ALA D 34 -21.50 -11.97 -31.94
N ALA D 35 -22.43 -12.00 -32.89
CA ALA D 35 -22.44 -11.00 -33.95
C ALA D 35 -22.70 -9.62 -33.40
N ASP D 36 -23.61 -9.50 -32.43
CA ASP D 36 -23.88 -8.20 -31.81
C ASP D 36 -22.65 -7.66 -31.09
N LEU D 37 -21.96 -8.52 -30.34
CA LEU D 37 -20.75 -8.08 -29.64
C LEU D 37 -19.68 -7.65 -30.61
N MET D 38 -19.48 -8.41 -31.68
CA MET D 38 -18.47 -8.05 -32.68
C MET D 38 -18.82 -6.73 -33.35
N ALA D 39 -20.10 -6.54 -33.70
CA ALA D 39 -20.50 -5.31 -34.36
C ALA D 39 -20.33 -4.11 -33.45
N TYR D 40 -20.70 -4.24 -32.17
CA TYR D 40 -20.51 -3.12 -31.25
C TYR D 40 -19.03 -2.82 -31.04
N CYS D 41 -18.20 -3.85 -30.91
CA CYS D 41 -16.77 -3.61 -30.69
C CYS D 41 -16.13 -2.97 -31.91
N GLU D 42 -16.57 -3.35 -33.11
CA GLU D 42 -15.99 -2.75 -34.33
C GLU D 42 -16.51 -1.34 -34.55
N ALA D 43 -17.76 -1.06 -34.18
CA ALA D 43 -18.34 0.26 -34.46
C ALA D 43 -17.62 1.37 -33.71
N HIS D 44 -17.29 1.14 -32.44
CA HIS D 44 -16.63 2.14 -31.61
C HIS D 44 -15.15 1.86 -31.42
N ALA D 45 -14.51 1.24 -32.42
CA ALA D 45 -13.09 0.92 -32.33
C ALA D 45 -12.19 2.10 -32.71
N LYS D 46 -12.76 3.19 -33.21
CA LYS D 46 -11.98 4.34 -33.64
C LYS D 46 -11.92 5.45 -32.60
N GLU D 47 -12.38 5.19 -31.37
CA GLU D 47 -12.37 6.18 -30.32
C GLU D 47 -11.68 5.72 -29.04
N ASP D 48 -11.05 4.55 -29.04
CA ASP D 48 -10.35 4.07 -27.86
C ASP D 48 -8.93 4.63 -27.85
N PRO D 49 -8.57 5.44 -26.86
CA PRO D 49 -7.18 5.96 -26.81
C PRO D 49 -6.14 4.87 -26.64
N LEU D 50 -6.45 3.79 -25.93
CA LEU D 50 -5.45 2.74 -25.69
C LEU D 50 -5.24 1.87 -26.93
N LEU D 51 -6.30 1.61 -27.69
CA LEU D 51 -6.17 0.78 -28.89
C LEU D 51 -5.35 1.50 -29.95
N THR D 52 -5.65 2.77 -30.19
CA THR D 52 -4.94 3.57 -31.18
C THR D 52 -4.13 4.66 -30.47
N PRO D 53 -2.80 4.54 -30.40
CA PRO D 53 -2.02 5.54 -29.65
C PRO D 53 -2.10 6.93 -30.26
N VAL D 54 -2.72 7.85 -29.53
CA VAL D 54 -2.82 9.25 -29.96
C VAL D 54 -1.47 9.93 -29.76
N PRO D 55 -1.12 10.91 -30.58
CA PRO D 55 0.18 11.58 -30.42
C PRO D 55 0.28 12.40 -29.13
N ALA D 56 1.43 13.03 -28.91
CA ALA D 56 1.64 13.81 -27.70
C ALA D 56 0.84 15.10 -27.67
N SER D 57 0.24 15.50 -28.80
CA SER D 57 -0.53 16.74 -28.82
C SER D 57 -1.78 16.64 -27.96
N GLU D 58 -2.51 15.52 -28.06
CA GLU D 58 -3.74 15.32 -27.32
C GLU D 58 -3.54 14.56 -26.01
N ASN D 59 -2.30 14.22 -25.66
CA ASN D 59 -2.04 13.44 -24.45
C ASN D 59 -1.92 14.39 -23.27
N PRO D 60 -2.81 14.32 -22.29
CA PRO D 60 -2.78 15.29 -21.17
C PRO D 60 -1.69 15.01 -20.15
N PHE D 61 -1.41 13.73 -19.91
CA PHE D 61 -0.46 13.37 -18.86
C PHE D 61 0.95 13.83 -19.21
N ARG D 62 1.42 13.50 -20.40
CA ARG D 62 2.77 13.88 -20.82
C ARG D 62 2.91 13.77 -22.33
N GLN E 2 -21.44 -26.13 -11.04
CA GLN E 2 -21.24 -27.54 -11.33
C GLN E 2 -20.02 -28.09 -10.60
N VAL E 3 -20.10 -28.14 -9.27
CA VAL E 3 -19.00 -28.64 -8.44
C VAL E 3 -19.55 -29.73 -7.54
N GLN E 4 -20.63 -30.37 -7.97
CA GLN E 4 -21.32 -31.36 -7.14
C GLN E 4 -20.43 -32.56 -6.88
N LEU E 5 -20.48 -33.07 -5.64
CA LEU E 5 -19.75 -34.24 -5.21
C LEU E 5 -20.74 -35.25 -4.64
N GLN E 6 -20.63 -36.51 -5.08
CA GLN E 6 -21.53 -37.56 -4.62
C GLN E 6 -20.76 -38.60 -3.81
N GLU E 7 -21.50 -39.36 -3.01
CA GLU E 7 -20.93 -40.41 -2.18
C GLU E 7 -21.78 -41.67 -2.28
N SER E 8 -21.15 -42.81 -2.07
CA SER E 8 -21.85 -44.09 -2.12
C SER E 8 -21.08 -45.11 -1.27
N GLY E 9 -21.77 -46.20 -0.96
CA GLY E 9 -21.17 -47.30 -0.23
C GLY E 9 -21.51 -47.40 1.24
N GLY E 10 -22.40 -46.55 1.74
CA GLY E 10 -22.79 -46.57 3.12
C GLY E 10 -23.84 -47.62 3.42
N GLY E 11 -24.33 -47.59 4.65
CA GLY E 11 -25.37 -48.49 5.10
C GLY E 11 -25.08 -48.99 6.49
N LEU E 12 -25.79 -50.05 6.87
CA LEU E 12 -25.63 -50.67 8.19
C LEU E 12 -24.80 -51.95 8.07
N VAL E 13 -23.95 -52.18 9.07
CA VAL E 13 -23.06 -53.34 9.06
C VAL E 13 -22.83 -53.77 10.50
N GLN E 14 -22.58 -55.06 10.68
CA GLN E 14 -22.32 -55.61 12.00
C GLN E 14 -21.01 -55.08 12.55
N PRO E 15 -20.88 -54.98 13.88
CA PRO E 15 -19.62 -54.51 14.48
C PRO E 15 -18.47 -55.46 14.17
N GLY E 16 -17.42 -54.93 13.55
CA GLY E 16 -16.25 -55.71 13.22
C GLY E 16 -16.10 -56.08 11.76
N GLY E 17 -16.94 -55.54 10.88
CA GLY E 17 -16.89 -55.85 9.46
C GLY E 17 -16.35 -54.67 8.66
N SER E 18 -15.63 -55.00 7.59
CA SER E 18 -15.07 -53.96 6.72
C SER E 18 -16.17 -53.30 5.90
N LEU E 19 -15.89 -52.06 5.48
CA LEU E 19 -16.84 -51.30 4.70
C LEU E 19 -16.09 -50.27 3.86
N ARG E 20 -16.60 -50.00 2.67
CA ARG E 20 -15.96 -49.09 1.73
C ARG E 20 -16.88 -47.94 1.37
N LEU E 21 -16.30 -46.75 1.24
CA LEU E 21 -17.02 -45.55 0.81
C LEU E 21 -16.29 -44.94 -0.38
N SER E 22 -17.07 -44.51 -1.37
CA SER E 22 -16.55 -43.95 -2.61
C SER E 22 -17.13 -42.56 -2.83
N CYS E 23 -16.26 -41.60 -3.10
CA CYS E 23 -16.63 -40.22 -3.40
C CYS E 23 -16.31 -39.94 -4.86
N ALA E 24 -17.30 -39.43 -5.59
CA ALA E 24 -17.17 -39.14 -7.01
C ALA E 24 -17.31 -37.64 -7.23
N ALA E 25 -16.39 -37.07 -8.01
CA ALA E 25 -16.34 -35.64 -8.27
C ALA E 25 -16.56 -35.36 -9.74
N SER E 26 -17.05 -34.15 -10.03
CA SER E 26 -17.29 -33.73 -11.40
C SER E 26 -17.23 -32.21 -11.48
N GLY E 27 -17.01 -31.71 -12.68
CA GLY E 27 -17.02 -30.28 -12.94
C GLY E 27 -15.70 -29.58 -12.75
N PHE E 28 -14.64 -30.27 -12.34
CA PHE E 28 -13.34 -29.65 -12.19
C PHE E 28 -12.25 -30.69 -12.42
N THR E 29 -11.05 -30.19 -12.71
CA THR E 29 -9.89 -31.06 -12.89
C THR E 29 -9.55 -31.71 -11.55
N PHE E 30 -9.76 -33.02 -11.45
CA PHE E 30 -9.61 -33.71 -10.18
C PHE E 30 -8.15 -33.84 -9.75
N SER E 31 -7.19 -33.62 -10.65
CA SER E 31 -5.79 -33.83 -10.38
C SER E 31 -5.06 -32.55 -9.97
N ASN E 32 -5.76 -31.63 -9.30
CA ASN E 32 -5.15 -30.39 -8.86
C ASN E 32 -5.46 -30.02 -7.40
N TYR E 33 -6.33 -30.76 -6.73
CA TYR E 33 -6.83 -30.36 -5.43
C TYR E 33 -6.61 -31.47 -4.40
N LYS E 34 -6.26 -31.08 -3.17
CA LYS E 34 -6.25 -32.02 -2.07
C LYS E 34 -7.67 -32.45 -1.74
N MET E 35 -7.79 -33.60 -1.09
CA MET E 35 -9.10 -34.11 -0.72
C MET E 35 -9.10 -34.53 0.75
N ASN E 36 -10.28 -34.51 1.36
CA ASN E 36 -10.41 -34.85 2.77
C ASN E 36 -11.72 -35.58 3.00
N TRP E 37 -11.73 -36.41 4.03
CA TRP E 37 -12.94 -37.03 4.56
C TRP E 37 -13.17 -36.48 5.96
N VAL E 38 -14.39 -35.99 6.21
CA VAL E 38 -14.77 -35.48 7.52
C VAL E 38 -16.03 -36.22 7.97
N ARG E 39 -16.34 -36.11 9.25
CA ARG E 39 -17.45 -36.86 9.82
C ARG E 39 -18.21 -35.99 10.81
N GLN E 40 -19.50 -36.28 10.95
CA GLN E 40 -20.35 -35.65 11.97
C GLN E 40 -21.13 -36.73 12.69
N ALA E 41 -20.89 -36.87 13.99
CA ALA E 41 -21.62 -37.74 14.88
C ALA E 41 -22.88 -37.06 15.38
N PRO E 42 -23.89 -37.82 15.81
CA PRO E 42 -25.10 -37.19 16.35
C PRO E 42 -24.78 -36.37 17.59
N GLY E 43 -25.25 -35.12 17.59
CA GLY E 43 -24.98 -34.22 18.69
C GLY E 43 -23.52 -33.86 18.85
N LYS E 44 -22.77 -33.75 17.75
CA LYS E 44 -21.36 -33.42 17.79
C LYS E 44 -21.01 -32.51 16.62
N GLY E 45 -19.89 -31.83 16.74
CA GLY E 45 -19.40 -31.00 15.65
C GLY E 45 -18.66 -31.81 14.60
N LEU E 46 -18.35 -31.13 13.49
CA LEU E 46 -17.60 -31.76 12.41
C LEU E 46 -16.18 -32.07 12.86
N GLU E 47 -15.70 -33.28 12.57
CA GLU E 47 -14.36 -33.71 12.93
C GLU E 47 -13.63 -34.19 11.69
N TRP E 48 -12.49 -33.59 11.41
CA TRP E 48 -11.67 -34.01 10.28
C TRP E 48 -11.08 -35.38 10.56
N VAL E 49 -11.22 -36.30 9.62
CA VAL E 49 -10.83 -37.69 9.86
C VAL E 49 -9.86 -38.26 8.85
N SER E 50 -9.67 -37.65 7.68
CA SER E 50 -8.68 -38.18 6.75
C SER E 50 -8.11 -37.04 5.90
N ASP E 51 -7.18 -37.39 5.02
CA ASP E 51 -6.53 -36.42 4.14
C ASP E 51 -5.85 -37.18 3.01
N ILE E 52 -5.71 -36.51 1.87
CA ILE E 52 -4.94 -37.06 0.75
C ILE E 52 -4.49 -35.90 -0.12
N SER E 53 -3.22 -35.94 -0.53
CA SER E 53 -2.60 -34.88 -1.31
C SER E 53 -2.90 -35.08 -2.79
N GLN E 54 -2.20 -34.34 -3.65
CA GLN E 54 -2.52 -34.33 -5.07
C GLN E 54 -2.03 -35.59 -5.77
N SER E 55 -0.73 -35.83 -5.77
CA SER E 55 -0.17 -36.96 -6.51
C SER E 55 -0.60 -38.29 -5.89
N GLY E 56 -0.59 -38.39 -4.57
CA GLY E 56 -0.95 -39.63 -3.90
C GLY E 56 -0.11 -39.89 -2.66
N ALA E 57 1.03 -39.21 -2.56
CA ALA E 57 1.89 -39.33 -1.40
C ALA E 57 1.44 -38.35 -0.31
N SER E 58 2.18 -38.32 0.79
CA SER E 58 1.92 -37.42 1.92
C SER E 58 0.50 -37.61 2.46
N ILE E 59 0.20 -38.86 2.83
CA ILE E 59 -1.10 -39.21 3.37
C ILE E 59 -1.07 -38.99 4.88
N SER E 60 -1.96 -38.14 5.37
CA SER E 60 -2.08 -37.86 6.79
C SER E 60 -3.26 -38.63 7.37
N TYR E 61 -3.36 -38.59 8.71
CA TYR E 61 -4.41 -39.30 9.42
C TYR E 61 -4.64 -38.62 10.76
N THR E 62 -5.78 -38.96 11.37
CA THR E 62 -6.05 -38.60 12.75
C THR E 62 -5.77 -39.80 13.66
N GLY E 63 -5.47 -39.51 14.92
CA GLY E 63 -4.98 -40.56 15.80
C GLY E 63 -5.98 -41.66 16.06
N SER E 64 -7.26 -41.31 16.17
CA SER E 64 -8.27 -42.28 16.59
C SER E 64 -8.54 -43.35 15.56
N VAL E 65 -8.10 -43.20 14.32
CA VAL E 65 -8.40 -44.18 13.28
C VAL E 65 -7.13 -44.62 12.57
N LYS E 66 -5.97 -44.30 13.16
CA LYS E 66 -4.71 -44.66 12.52
C LYS E 66 -4.49 -46.17 12.58
N GLY E 67 -4.05 -46.73 11.45
CA GLY E 67 -3.79 -48.16 11.36
C GLY E 67 -4.99 -49.02 11.03
N ARG E 68 -6.16 -48.43 10.82
CA ARG E 68 -7.36 -49.20 10.48
C ARG E 68 -8.14 -48.62 9.32
N PHE E 69 -7.83 -47.43 8.83
CA PHE E 69 -8.47 -46.83 7.68
C PHE E 69 -7.47 -46.72 6.53
N THR E 70 -7.91 -47.05 5.33
CA THR E 70 -7.08 -46.93 4.13
C THR E 70 -7.76 -45.96 3.17
N ILE E 71 -7.04 -44.92 2.76
CA ILE E 71 -7.56 -43.89 1.87
C ILE E 71 -6.74 -43.89 0.60
N SER E 72 -7.43 -43.87 -0.54
CA SER E 72 -6.78 -43.92 -1.85
C SER E 72 -7.50 -43.00 -2.83
N ARG E 73 -6.78 -42.59 -3.87
CA ARG E 73 -7.32 -41.73 -4.91
C ARG E 73 -7.02 -42.31 -6.27
N ASP E 74 -8.00 -42.28 -7.16
CA ASP E 74 -7.83 -42.72 -8.54
C ASP E 74 -8.20 -41.57 -9.48
N ASN E 75 -7.28 -41.26 -10.40
CA ASN E 75 -7.43 -40.10 -11.27
C ASN E 75 -7.97 -40.43 -12.65
N ALA E 76 -7.76 -41.65 -13.13
CA ALA E 76 -8.31 -42.04 -14.44
C ALA E 76 -9.82 -41.83 -14.46
N LYS E 77 -10.53 -42.55 -13.61
CA LYS E 77 -11.90 -42.22 -13.26
C LYS E 77 -11.85 -41.54 -11.89
N ASN E 78 -12.31 -40.28 -11.84
CA ASN E 78 -12.11 -39.47 -10.65
C ASN E 78 -12.84 -40.08 -9.46
N THR E 79 -12.10 -40.68 -8.53
CA THR E 79 -12.74 -41.36 -7.41
C THR E 79 -11.84 -41.29 -6.18
N LEU E 80 -12.47 -41.22 -5.02
CA LEU E 80 -11.79 -41.22 -3.74
C LEU E 80 -12.35 -42.35 -2.89
N TYR E 81 -11.49 -43.28 -2.45
CA TYR E 81 -11.92 -44.46 -1.72
C TYR E 81 -11.45 -44.38 -0.27
N LEU E 82 -12.32 -44.77 0.66
CA LEU E 82 -11.95 -44.94 2.06
C LEU E 82 -12.50 -46.26 2.55
N GLN E 83 -11.62 -47.14 3.04
CA GLN E 83 -11.98 -48.46 3.50
C GLN E 83 -11.68 -48.59 4.99
N MET E 84 -12.66 -49.13 5.73
CA MET E 84 -12.54 -49.34 7.17
C MET E 84 -12.55 -50.84 7.45
N ASN E 85 -11.54 -51.31 8.18
CA ASN E 85 -11.38 -52.74 8.44
C ASN E 85 -12.19 -53.20 9.64
N SER E 86 -11.91 -52.63 10.81
CA SER E 86 -12.62 -52.97 12.04
C SER E 86 -13.39 -51.75 12.54
N LEU E 87 -14.57 -51.99 13.10
CA LEU E 87 -15.47 -50.93 13.50
C LEU E 87 -15.86 -51.09 14.96
N LYS E 88 -16.18 -49.97 15.60
CA LYS E 88 -16.58 -49.89 16.99
C LYS E 88 -17.91 -49.17 17.09
N PRO E 89 -18.67 -49.39 18.16
CA PRO E 89 -19.98 -48.74 18.28
C PRO E 89 -19.93 -47.22 18.23
N GLU E 90 -18.79 -46.63 18.61
CA GLU E 90 -18.68 -45.18 18.58
C GLU E 90 -18.61 -44.60 17.18
N ASP E 91 -18.37 -45.42 16.16
CA ASP E 91 -18.24 -44.94 14.78
C ASP E 91 -19.58 -45.08 14.06
N THR E 92 -20.54 -44.27 14.52
CA THR E 92 -21.85 -44.14 13.87
C THR E 92 -22.05 -42.66 13.57
N ALA E 93 -21.76 -42.27 12.34
CA ALA E 93 -21.77 -40.85 11.98
C ALA E 93 -21.94 -40.73 10.47
N VAL E 94 -22.32 -39.52 10.04
CA VAL E 94 -22.42 -39.22 8.62
C VAL E 94 -21.05 -38.76 8.13
N TYR E 95 -20.70 -39.13 6.90
CA TYR E 95 -19.40 -38.83 6.34
C TYR E 95 -19.55 -37.89 5.16
N TYR E 96 -18.69 -36.86 5.11
CA TYR E 96 -18.69 -35.87 4.06
C TYR E 96 -17.35 -35.87 3.33
N CYS E 97 -17.42 -35.77 2.00
CA CYS E 97 -16.25 -35.68 1.15
C CYS E 97 -15.99 -34.21 0.82
N ALA E 98 -14.80 -33.72 1.15
CA ALA E 98 -14.52 -32.30 1.05
C ALA E 98 -13.27 -32.05 0.21
N ARG E 99 -13.25 -30.88 -0.44
CA ARG E 99 -12.15 -30.48 -1.30
C ARG E 99 -11.54 -29.18 -0.78
N CYS E 100 -10.23 -29.04 -0.95
CA CYS E 100 -9.56 -27.81 -0.57
C CYS E 100 -10.06 -26.64 -1.43
N PRO E 101 -10.09 -25.43 -0.87
CA PRO E 101 -10.63 -24.30 -1.63
C PRO E 101 -9.85 -23.97 -2.90
N ALA E 102 -8.54 -23.74 -2.79
CA ALA E 102 -7.78 -23.25 -3.93
C ALA E 102 -6.89 -24.34 -4.51
N PRO E 103 -6.67 -24.33 -5.83
CA PRO E 103 -5.78 -25.32 -6.44
C PRO E 103 -4.31 -25.00 -6.17
N PHE E 104 -3.49 -26.05 -6.24
CA PHE E 104 -2.03 -25.94 -6.12
C PHE E 104 -1.63 -25.31 -4.79
N THR E 105 -2.08 -25.93 -3.70
CA THR E 105 -1.75 -25.47 -2.36
C THR E 105 -1.95 -26.63 -1.39
N ARG E 106 -1.43 -26.46 -0.18
CA ARG E 106 -1.54 -27.45 0.88
C ARG E 106 -2.10 -26.82 2.15
N ASP E 107 -3.12 -25.97 1.99
CA ASP E 107 -3.71 -25.28 3.14
C ASP E 107 -4.91 -26.03 3.70
N CYS E 108 -5.94 -26.23 2.89
CA CYS E 108 -7.21 -26.80 3.33
C CYS E 108 -7.74 -26.04 4.55
N PHE E 109 -7.99 -24.75 4.34
CA PHE E 109 -8.25 -23.85 5.46
C PHE E 109 -9.66 -24.00 6.03
N ASP E 110 -10.65 -24.32 5.21
CA ASP E 110 -12.04 -24.40 5.66
C ASP E 110 -12.67 -25.71 5.21
N VAL E 111 -11.98 -26.82 5.45
CA VAL E 111 -12.55 -28.13 5.14
C VAL E 111 -13.77 -28.39 6.01
N THR E 112 -13.68 -28.09 7.29
CA THR E 112 -14.79 -28.28 8.24
C THR E 112 -15.38 -26.92 8.58
N SER E 113 -16.68 -26.77 8.35
CA SER E 113 -17.39 -25.55 8.67
C SER E 113 -18.88 -25.87 8.74
N THR E 114 -19.63 -24.98 9.40
CA THR E 114 -21.07 -25.18 9.53
C THR E 114 -21.75 -25.20 8.16
N THR E 115 -21.38 -24.27 7.29
CA THR E 115 -21.86 -24.24 5.92
C THR E 115 -20.67 -24.08 4.98
N TYR E 116 -20.70 -24.81 3.87
CA TYR E 116 -19.59 -24.82 2.94
C TYR E 116 -20.13 -25.08 1.54
N ALA E 117 -19.37 -24.64 0.54
CA ALA E 117 -19.82 -24.71 -0.84
C ALA E 117 -19.48 -26.05 -1.49
N TYR E 118 -18.22 -26.48 -1.40
CA TYR E 118 -17.75 -27.69 -2.08
C TYR E 118 -17.68 -28.82 -1.07
N ARG E 119 -18.81 -29.48 -0.87
CA ARG E 119 -18.91 -30.60 0.06
C ARG E 119 -20.15 -31.41 -0.27
N GLY E 120 -20.02 -32.73 -0.23
CA GLY E 120 -21.10 -33.60 -0.63
C GLY E 120 -22.23 -33.64 0.38
N GLN E 121 -23.36 -34.20 -0.06
CA GLN E 121 -24.51 -34.36 0.83
C GLN E 121 -24.19 -35.32 1.98
N GLY E 122 -23.53 -36.42 1.68
CA GLY E 122 -23.07 -37.30 2.74
C GLY E 122 -23.93 -38.55 2.87
N THR E 123 -23.32 -39.61 3.36
CA THR E 123 -23.99 -40.87 3.63
C THR E 123 -23.78 -41.25 5.10
N GLN E 124 -24.68 -42.07 5.63
CA GLN E 124 -24.67 -42.46 7.03
C GLN E 124 -24.35 -43.94 7.16
N VAL E 125 -23.50 -44.27 8.12
CA VAL E 125 -23.15 -45.65 8.46
C VAL E 125 -23.58 -45.92 9.89
N THR E 126 -24.22 -47.06 10.12
CA THR E 126 -24.73 -47.44 11.43
C THR E 126 -24.14 -48.78 11.84
N VAL E 127 -23.62 -48.84 13.07
CA VAL E 127 -23.04 -50.05 13.62
C VAL E 127 -23.71 -50.34 14.95
N SER E 128 -24.18 -51.58 15.13
CA SER E 128 -24.83 -52.02 16.36
C SER E 128 -26.01 -51.13 16.72
N SER E 129 -26.76 -50.70 15.71
CA SER E 129 -27.92 -49.84 15.88
C SER E 129 -27.58 -48.57 16.65
N THR F 44 65.25 21.72 -5.76
CA THR F 44 65.12 20.95 -4.53
C THR F 44 64.83 19.48 -4.84
N LEU F 45 64.22 19.24 -6.00
CA LEU F 45 63.88 17.88 -6.40
C LEU F 45 65.12 17.02 -6.55
N ARG F 46 66.18 17.56 -7.16
CA ARG F 46 67.39 16.78 -7.40
C ARG F 46 68.02 16.33 -6.10
N GLU F 47 68.17 17.25 -5.14
CA GLU F 47 68.79 16.88 -3.87
C GLU F 47 67.87 16.00 -3.03
N HIS F 48 66.56 16.22 -3.09
CA HIS F 48 65.64 15.36 -2.36
C HIS F 48 65.69 13.92 -2.88
N TYR F 49 65.77 13.75 -4.21
CA TYR F 49 65.88 12.41 -4.77
C TYR F 49 67.26 11.81 -4.53
N GLN F 50 68.30 12.65 -4.46
CA GLN F 50 69.63 12.14 -4.17
C GLN F 50 69.73 11.63 -2.74
N TYR F 51 69.15 12.36 -1.79
CA TYR F 51 69.25 11.98 -0.39
C TYR F 51 68.52 10.66 -0.11
N VAL F 52 67.35 10.46 -0.71
CA VAL F 52 66.61 9.23 -0.47
C VAL F 52 67.31 8.03 -1.14
N GLY F 53 67.99 8.26 -2.25
CA GLY F 53 68.70 7.20 -2.94
C GLY F 53 67.78 6.20 -3.63
N THR F 70 54.57 -4.15 -16.38
CA THR F 70 53.85 -2.88 -16.32
C THR F 70 52.40 -3.06 -16.72
N VAL F 71 52.14 -4.09 -17.53
CA VAL F 71 50.79 -4.34 -18.01
C VAL F 71 49.86 -4.77 -16.88
N LEU F 72 50.38 -5.52 -15.91
CA LEU F 72 49.52 -6.10 -14.88
C LEU F 72 48.85 -5.03 -14.03
N PHE F 73 49.59 -3.97 -13.68
CA PHE F 73 49.01 -2.91 -12.85
C PHE F 73 47.93 -2.15 -13.60
N LEU F 74 48.15 -1.86 -14.88
CA LEU F 74 47.10 -1.25 -15.69
C LEU F 74 45.89 -2.18 -15.81
N VAL F 75 46.13 -3.48 -15.88
CA VAL F 75 45.04 -4.44 -15.98
C VAL F 75 44.20 -4.43 -14.71
N ILE F 76 44.85 -4.43 -13.54
CA ILE F 76 44.09 -4.42 -12.30
C ILE F 76 43.36 -3.09 -12.12
N CYS F 77 43.96 -1.98 -12.57
CA CYS F 77 43.27 -0.70 -12.51
C CYS F 77 42.02 -0.70 -13.40
N SER F 78 42.14 -1.23 -14.61
CA SER F 78 40.97 -1.37 -15.48
C SER F 78 39.92 -2.26 -14.83
N PHE F 79 40.37 -3.36 -14.21
CA PHE F 79 39.46 -4.28 -13.54
C PHE F 79 38.66 -3.55 -12.46
N ILE F 80 39.35 -2.80 -11.58
CA ILE F 80 38.65 -2.14 -10.49
C ILE F 80 37.71 -1.06 -11.01
N VAL F 81 38.14 -0.28 -12.01
CA VAL F 81 37.29 0.81 -12.49
C VAL F 81 36.03 0.25 -13.15
N LEU F 82 36.16 -0.78 -13.99
CA LEU F 82 34.98 -1.35 -14.63
C LEU F 82 34.09 -2.06 -13.61
N GLU F 83 34.70 -2.74 -12.63
CA GLU F 83 33.93 -3.44 -11.61
C GLU F 83 33.08 -2.48 -10.79
N ASN F 84 33.65 -1.33 -10.43
CA ASN F 84 32.88 -0.34 -9.68
C ASN F 84 31.89 0.41 -10.56
N LEU F 85 32.20 0.58 -11.85
CA LEU F 85 31.26 1.25 -12.74
C LEU F 85 30.03 0.39 -13.01
N MET F 86 30.19 -0.94 -13.07
CA MET F 86 29.07 -1.80 -13.41
C MET F 86 27.96 -1.78 -12.35
N VAL F 87 28.27 -1.39 -11.12
CA VAL F 87 27.30 -1.42 -10.02
C VAL F 87 27.08 -0.06 -9.39
N LEU F 88 27.77 0.98 -9.86
CA LEU F 88 27.71 2.28 -9.20
C LEU F 88 26.31 2.89 -9.25
N ILE F 89 25.63 2.76 -10.38
CA ILE F 89 24.36 3.47 -10.58
C ILE F 89 23.26 2.84 -9.74
N ALA F 90 22.91 1.59 -10.02
CA ALA F 90 21.82 0.87 -9.36
C ALA F 90 20.48 1.61 -9.46
N ILE F 91 20.36 2.55 -10.41
CA ILE F 91 19.13 3.32 -10.53
C ILE F 91 18.02 2.49 -11.15
N TRP F 92 18.35 1.59 -12.07
CA TRP F 92 17.32 0.81 -12.76
C TRP F 92 16.55 -0.07 -11.79
N LYS F 93 17.25 -0.72 -10.88
CA LYS F 93 16.60 -1.60 -9.91
C LYS F 93 15.98 -0.79 -8.78
N ASN F 94 14.81 -1.23 -8.32
CA ASN F 94 14.06 -0.52 -7.28
C ASN F 94 14.58 -0.98 -5.91
N ASN F 95 15.74 -0.43 -5.53
CA ASN F 95 16.34 -0.70 -4.24
C ASN F 95 16.14 0.44 -3.25
N LYS F 96 14.99 1.12 -3.34
CA LYS F 96 14.74 2.30 -2.51
C LYS F 96 14.11 1.97 -1.17
N PHE F 97 13.42 0.84 -1.05
CA PHE F 97 12.91 0.42 0.25
C PHE F 97 14.05 0.07 1.20
N HIS F 98 15.10 -0.54 0.66
CA HIS F 98 16.31 -0.86 1.41
C HIS F 98 17.44 0.15 1.14
N ASN F 99 17.08 1.37 0.71
CA ASN F 99 18.08 2.33 0.26
C ASN F 99 19.01 2.81 1.37
N ARG F 100 18.69 2.54 2.64
CA ARG F 100 19.56 2.99 3.72
C ARG F 100 20.95 2.38 3.60
N MET F 101 21.02 1.08 3.33
CA MET F 101 22.31 0.45 3.08
C MET F 101 22.83 0.76 1.68
N TYR F 102 21.92 0.85 0.70
CA TYR F 102 22.32 0.95 -0.69
C TYR F 102 22.98 2.30 -0.99
N PHE F 103 22.55 3.38 -0.33
CA PHE F 103 23.18 4.67 -0.63
C PHE F 103 24.56 4.78 0.00
N PHE F 104 24.78 4.15 1.17
CA PHE F 104 26.14 3.99 1.67
C PHE F 104 26.99 3.17 0.70
N ILE F 105 26.41 2.10 0.15
CA ILE F 105 27.15 1.29 -0.82
C ILE F 105 27.52 2.12 -2.04
N GLY F 106 26.59 2.90 -2.55
CA GLY F 106 26.85 3.84 -3.63
C GLY F 106 27.95 4.83 -3.32
N ASN F 107 27.96 5.33 -2.08
CA ASN F 107 29.03 6.21 -1.64
C ASN F 107 30.37 5.50 -1.72
N LEU F 108 30.42 4.26 -1.24
CA LEU F 108 31.65 3.47 -1.29
C LEU F 108 32.08 3.23 -2.74
N ALA F 109 31.12 3.00 -3.63
CA ALA F 109 31.42 2.81 -5.04
C ALA F 109 32.02 4.07 -5.66
N LEU F 110 31.46 5.23 -5.33
CA LEU F 110 32.02 6.49 -5.82
C LEU F 110 33.45 6.69 -5.32
N CYS F 111 33.68 6.40 -4.03
CA CYS F 111 35.03 6.52 -3.49
C CYS F 111 35.99 5.57 -4.20
N ASP F 112 35.54 4.35 -4.49
CA ASP F 112 36.38 3.37 -5.17
C ASP F 112 36.70 3.82 -6.60
N LEU F 113 35.71 4.37 -7.30
CA LEU F 113 35.94 4.86 -8.66
C LEU F 113 36.94 6.01 -8.66
N LEU F 114 36.80 6.94 -7.71
CA LEU F 114 37.75 8.03 -7.60
C LEU F 114 39.15 7.50 -7.28
N ALA F 115 39.25 6.50 -6.42
CA ALA F 115 40.53 5.90 -6.10
C ALA F 115 41.17 5.25 -7.33
N GLY F 116 40.36 4.55 -8.12
CA GLY F 116 40.89 3.96 -9.34
C GLY F 116 41.41 4.99 -10.31
N ILE F 117 40.66 6.07 -10.52
CA ILE F 117 41.11 7.13 -11.43
C ILE F 117 42.40 7.78 -10.92
N ALA F 118 42.46 8.05 -9.62
CA ALA F 118 43.64 8.67 -9.04
C ALA F 118 44.86 7.77 -9.17
N TYR F 119 44.69 6.48 -8.91
CA TYR F 119 45.81 5.55 -9.09
C TYR F 119 46.23 5.48 -10.55
N LYS F 120 45.27 5.49 -11.47
CA LYS F 120 45.59 5.39 -12.89
C LYS F 120 46.44 6.57 -13.33
N VAL F 121 46.06 7.78 -12.93
CA VAL F 121 46.86 8.93 -13.33
C VAL F 121 48.20 8.95 -12.60
N ASN F 122 48.21 8.54 -11.32
CA ASN F 122 49.43 8.60 -10.53
C ASN F 122 50.52 7.68 -11.08
N ILE F 123 50.17 6.42 -11.35
CA ILE F 123 51.17 5.46 -11.82
C ILE F 123 51.65 5.82 -13.22
N LEU F 124 50.74 6.31 -14.07
CA LEU F 124 51.12 6.65 -15.43
C LEU F 124 52.06 7.85 -15.46
N MET F 125 51.74 8.88 -14.67
CA MET F 125 52.54 10.10 -14.75
C MET F 125 53.91 9.94 -14.10
N SER F 126 54.02 9.07 -13.09
CA SER F 126 55.29 8.89 -12.40
C SER F 126 56.30 8.17 -13.27
N GLY F 127 57.57 8.50 -13.07
CA GLY F 127 58.65 7.91 -13.84
C GLY F 127 59.65 8.95 -14.31
N LYS F 128 60.21 8.75 -15.51
CA LYS F 128 61.09 9.76 -16.08
C LYS F 128 60.36 11.08 -16.28
N LYS F 129 59.04 11.03 -16.48
CA LYS F 129 58.24 12.24 -16.64
C LYS F 129 58.16 13.06 -15.36
N THR F 130 58.47 12.47 -14.21
CA THR F 130 58.34 13.18 -12.94
C THR F 130 59.25 14.40 -12.88
N PHE F 131 60.50 14.25 -13.34
CA PHE F 131 61.45 15.35 -13.24
C PHE F 131 61.03 16.54 -14.09
N SER F 132 60.52 16.28 -15.29
CA SER F 132 60.06 17.37 -16.15
C SER F 132 58.82 18.07 -15.60
N LEU F 133 58.14 17.44 -14.65
CA LEU F 133 56.93 18.03 -14.08
C LEU F 133 57.28 19.09 -13.04
N SER F 134 56.50 20.16 -13.02
CA SER F 134 56.70 21.21 -12.04
C SER F 134 56.39 20.68 -10.64
N PRO F 135 57.08 21.20 -9.61
CA PRO F 135 56.86 20.69 -8.24
C PRO F 135 55.43 20.82 -7.76
N THR F 136 54.72 21.88 -8.16
CA THR F 136 53.36 22.08 -7.67
C THR F 136 52.44 20.95 -8.14
N VAL F 137 52.54 20.57 -9.42
CA VAL F 137 51.66 19.53 -9.95
C VAL F 137 51.99 18.17 -9.33
N TRP F 138 53.24 17.98 -8.89
CA TRP F 138 53.63 16.70 -8.31
C TRP F 138 52.79 16.36 -7.09
N PHE F 139 52.55 17.34 -6.21
CA PHE F 139 51.68 17.12 -5.06
C PHE F 139 50.32 16.61 -5.48
N LEU F 140 49.81 17.07 -6.62
CA LEU F 140 48.50 16.65 -7.11
C LEU F 140 48.43 15.15 -7.36
N ARG F 141 49.57 14.49 -7.49
CA ARG F 141 49.58 13.03 -7.58
C ARG F 141 49.79 12.39 -6.20
N GLU F 142 50.58 13.02 -5.35
CA GLU F 142 50.78 12.49 -4.00
C GLU F 142 49.58 12.81 -3.11
N GLY F 143 48.95 13.96 -3.32
CA GLY F 143 47.83 14.36 -2.50
C GLY F 143 46.51 13.70 -2.86
N SER F 144 46.15 13.74 -4.15
CA SER F 144 44.82 13.30 -4.56
C SER F 144 44.58 11.84 -4.19
N MET F 145 45.53 10.96 -4.48
CA MET F 145 45.35 9.56 -4.12
C MET F 145 45.22 9.39 -2.61
N PHE F 146 45.91 10.24 -1.83
CA PHE F 146 45.75 10.19 -0.38
C PHE F 146 44.32 10.52 0.01
N VAL F 147 43.67 11.43 -0.71
CA VAL F 147 42.23 11.61 -0.56
C VAL F 147 41.51 10.36 -1.03
N ALA F 148 41.93 9.82 -2.18
CA ALA F 148 41.23 8.70 -2.80
C ALA F 148 41.11 7.52 -1.84
N LEU F 149 42.26 6.92 -1.49
CA LEU F 149 42.24 5.85 -0.50
C LEU F 149 41.70 6.35 0.84
N GLY F 150 41.87 7.64 1.12
CA GLY F 150 41.29 8.19 2.33
C GLY F 150 39.78 8.06 2.35
N ALA F 151 39.14 8.16 1.19
CA ALA F 151 37.71 7.96 1.09
C ALA F 151 37.33 6.49 1.01
N SER F 152 38.30 5.59 0.89
CA SER F 152 38.00 4.16 0.79
C SER F 152 37.93 3.50 2.15
N THR F 153 38.95 3.65 2.98
CA THR F 153 38.95 3.04 4.31
C THR F 153 37.89 3.66 5.20
N CYS F 154 37.88 5.00 5.29
CA CYS F 154 36.99 5.67 6.23
C CYS F 154 35.53 5.37 5.94
N SER F 155 35.14 5.42 4.66
CA SER F 155 33.76 5.12 4.30
C SER F 155 33.36 3.72 4.76
N LEU F 156 34.31 2.80 4.83
CA LEU F 156 34.01 1.47 5.37
C LEU F 156 33.44 1.57 6.77
N LEU F 157 34.10 2.34 7.64
CA LEU F 157 33.57 2.54 8.98
C LEU F 157 32.19 3.18 8.96
N ALA F 158 31.90 4.02 7.95
CA ALA F 158 30.57 4.60 7.84
C ALA F 158 29.53 3.51 7.69
N ILE F 159 29.87 2.40 7.03
CA ILE F 159 28.98 1.26 7.00
C ILE F 159 28.90 0.61 8.38
N ALA F 160 30.05 0.39 9.02
CA ALA F 160 30.07 -0.43 10.23
C ALA F 160 29.23 0.20 11.34
N ILE F 161 29.49 1.47 11.66
CA ILE F 161 28.72 2.14 12.71
C ILE F 161 27.27 2.28 12.31
N GLU F 162 26.96 2.15 11.00
CA GLU F 162 25.56 2.12 10.58
C GLU F 162 24.87 0.83 11.04
N ARG F 163 25.57 -0.30 10.96
CA ARG F 163 24.93 -1.56 11.33
C ARG F 163 24.72 -1.66 12.84
N HIS F 164 25.77 -1.35 13.62
CA HIS F 164 25.72 -1.52 15.06
C HIS F 164 24.57 -0.74 15.69
N LEU F 165 24.29 0.45 15.18
CA LEU F 165 23.22 1.26 15.75
C LEU F 165 21.85 0.64 15.49
N THR F 166 21.68 -0.05 14.36
CA THR F 166 20.37 -0.61 14.05
C THR F 166 20.08 -1.86 14.88
N MET F 167 21.09 -2.68 15.16
CA MET F 167 20.89 -3.96 15.82
C MET F 167 20.83 -3.85 17.34
N ILE F 168 20.72 -2.64 17.89
CA ILE F 168 20.75 -2.45 19.33
C ILE F 168 19.40 -2.00 19.90
N LYS F 169 18.63 -1.20 19.16
CA LYS F 169 17.34 -0.72 19.63
C LYS F 169 16.21 -1.51 19.02
N MET F 170 15.13 -1.66 19.78
CA MET F 170 13.99 -2.49 19.39
C MET F 170 13.08 -1.69 18.47
N ARG F 171 13.38 -1.74 17.17
CA ARG F 171 12.58 -1.04 16.19
C ARG F 171 12.87 -1.62 14.82
N PRO F 172 11.86 -1.76 13.95
CA PRO F 172 12.11 -2.28 12.60
C PRO F 172 12.94 -1.31 11.78
N TYR F 173 13.55 -1.85 10.72
CA TYR F 173 14.39 -1.05 9.84
C TYR F 173 13.59 0.01 9.08
N ASP F 174 12.26 -0.07 9.07
CA ASP F 174 11.45 0.88 8.32
C ASP F 174 11.56 2.30 8.85
N ALA F 175 12.07 2.49 10.06
CA ALA F 175 12.30 3.83 10.58
C ALA F 175 13.31 4.55 9.68
N ASN F 176 12.96 5.77 9.27
CA ASN F 176 13.78 6.47 8.28
C ASN F 176 15.15 6.84 8.83
N LYS F 177 15.20 7.49 9.99
CA LYS F 177 16.44 7.99 10.58
C LYS F 177 17.27 8.76 9.54
N ARG F 178 16.61 9.70 8.88
CA ARG F 178 17.16 10.33 7.68
C ARG F 178 18.22 11.38 7.99
N HIS F 179 18.11 12.09 9.12
CA HIS F 179 19.00 13.21 9.37
C HIS F 179 20.43 12.76 9.63
N ARG F 180 20.61 11.69 10.41
CA ARG F 180 21.96 11.30 10.83
C ARG F 180 22.73 10.62 9.70
N VAL F 181 22.03 9.91 8.82
CA VAL F 181 22.73 9.14 7.78
C VAL F 181 23.43 10.07 6.80
N PHE F 182 22.77 11.16 6.40
CA PHE F 182 23.41 12.11 5.50
C PHE F 182 24.57 12.82 6.18
N LEU F 183 24.45 13.08 7.49
CA LEU F 183 25.56 13.64 8.24
C LEU F 183 26.77 12.72 8.22
N LEU F 184 26.53 11.42 8.44
CA LEU F 184 27.63 10.47 8.43
C LEU F 184 28.27 10.36 7.04
N ILE F 185 27.44 10.30 6.00
CA ILE F 185 27.98 10.16 4.65
C ILE F 185 28.69 11.43 4.21
N GLY F 186 28.34 12.58 4.77
CA GLY F 186 29.05 13.81 4.47
C GLY F 186 30.37 13.91 5.21
N MET F 187 30.36 13.52 6.49
CA MET F 187 31.60 13.56 7.28
C MET F 187 32.61 12.54 6.77
N CYS F 188 32.15 11.40 6.24
CA CYS F 188 33.09 10.41 5.72
C CYS F 188 33.88 10.97 4.54
N TRP F 189 33.25 11.79 3.70
CA TRP F 189 33.99 12.48 2.63
C TRP F 189 34.83 13.62 3.19
N LEU F 190 34.27 14.38 4.13
CA LEU F 190 34.92 15.61 4.59
C LEU F 190 36.23 15.31 5.32
N ILE F 191 36.25 14.28 6.16
CA ILE F 191 37.47 13.98 6.91
C ILE F 191 38.59 13.57 5.96
N ALA F 192 38.28 12.76 4.95
CA ALA F 192 39.29 12.39 3.97
C ALA F 192 39.75 13.59 3.18
N PHE F 193 38.83 14.48 2.80
CA PHE F 193 39.19 15.66 2.02
C PHE F 193 40.14 16.56 2.81
N THR F 194 39.83 16.80 4.08
CA THR F 194 40.71 17.66 4.88
C THR F 194 42.03 16.97 5.19
N LEU F 195 42.03 15.64 5.37
CA LEU F 195 43.28 14.92 5.58
C LEU F 195 44.19 15.03 4.37
N GLY F 196 43.62 14.93 3.17
CA GLY F 196 44.41 15.11 1.96
C GLY F 196 44.77 16.55 1.65
N ALA F 197 44.01 17.51 2.18
CA ALA F 197 44.32 18.92 2.00
C ALA F 197 45.28 19.46 3.05
N LEU F 198 45.54 18.70 4.12
CA LEU F 198 46.55 19.12 5.09
C LEU F 198 47.94 19.30 4.48
N PRO F 199 48.49 18.36 3.69
CA PRO F 199 49.89 18.51 3.26
C PRO F 199 50.13 19.45 2.10
N ILE F 200 49.08 19.89 1.39
CA ILE F 200 49.32 20.74 0.22
C ILE F 200 49.90 22.09 0.64
N LEU F 201 49.49 22.61 1.79
CA LEU F 201 50.01 23.85 2.34
C LEU F 201 50.76 23.52 3.63
N GLY F 202 52.07 23.70 3.62
CA GLY F 202 52.90 23.32 4.75
C GLY F 202 53.30 21.86 4.68
N TRP F 203 54.07 21.45 5.69
CA TRP F 203 54.62 20.09 5.77
C TRP F 203 55.42 19.75 4.51
N ASN F 204 56.12 20.75 3.97
CA ASN F 204 56.78 20.59 2.69
C ASN F 204 58.06 19.77 2.78
N CYS F 205 58.74 19.81 3.93
CA CYS F 205 60.01 19.13 4.17
C CYS F 205 61.15 19.67 3.31
N LEU F 206 60.92 20.78 2.58
CA LEU F 206 61.96 21.34 1.74
C LEU F 206 63.03 22.08 2.55
N HIS F 207 62.72 22.45 3.80
CA HIS F 207 63.68 23.21 4.60
C HIS F 207 64.94 22.41 4.86
N ASN F 208 64.79 21.13 5.20
CA ASN F 208 65.93 20.28 5.52
C ASN F 208 65.82 18.96 4.77
N LEU F 209 66.96 18.45 4.30
CA LEU F 209 66.99 17.14 3.67
C LEU F 209 66.48 16.02 4.58
N PRO F 210 66.85 15.96 5.87
CA PRO F 210 66.24 14.95 6.75
C PRO F 210 64.74 15.16 6.90
N ASP F 211 64.10 14.21 7.57
CA ASP F 211 62.67 14.17 7.86
C ASP F 211 61.83 13.90 6.62
N CYS F 212 62.44 13.69 5.46
CA CYS F 212 61.73 13.33 4.24
C CYS F 212 62.14 11.93 3.81
N SER F 213 61.18 11.16 3.31
CA SER F 213 61.32 9.72 3.15
C SER F 213 61.40 9.33 1.68
N THR F 214 61.63 8.03 1.45
CA THR F 214 61.74 7.46 0.12
C THR F 214 60.47 6.76 -0.35
N ILE F 215 59.57 6.42 0.58
CA ILE F 215 58.28 5.85 0.18
C ILE F 215 57.54 6.79 -0.75
N LEU F 216 57.71 8.10 -0.54
CA LEU F 216 57.30 9.12 -1.49
C LEU F 216 58.19 10.33 -1.28
N PRO F 217 58.82 10.85 -2.33
CA PRO F 217 59.91 11.80 -2.16
C PRO F 217 59.47 13.12 -1.53
N LEU F 218 60.39 13.72 -0.79
CA LEU F 218 60.27 15.04 -0.18
C LEU F 218 59.07 15.17 0.76
N TYR F 219 58.39 14.07 1.04
CA TYR F 219 57.21 14.10 1.90
C TYR F 219 57.62 14.10 3.36
N SER F 220 56.93 14.93 4.16
CA SER F 220 57.23 15.00 5.59
C SER F 220 56.95 13.68 6.28
N LYS F 221 57.97 13.13 6.95
CA LYS F 221 57.80 11.85 7.63
C LYS F 221 56.82 11.97 8.79
N LYS F 222 56.76 13.14 9.42
CA LYS F 222 55.89 13.31 10.59
C LYS F 222 54.43 13.10 10.24
N TYR F 223 54.02 13.45 9.02
CA TYR F 223 52.64 13.26 8.60
C TYR F 223 52.26 11.78 8.58
N ILE F 224 53.24 10.90 8.34
CA ILE F 224 52.96 9.47 8.32
C ILE F 224 52.51 9.00 9.71
N ALA F 225 53.06 9.60 10.77
CA ALA F 225 52.63 9.23 12.12
C ALA F 225 51.14 9.53 12.33
N PHE F 226 50.69 10.71 11.90
CA PHE F 226 49.28 11.04 12.01
C PHE F 226 48.42 10.11 11.15
N CYS F 227 48.90 9.80 9.94
CA CYS F 227 48.15 8.90 9.07
C CYS F 227 47.98 7.52 9.70
N ILE F 228 49.07 6.96 10.25
CA ILE F 228 48.97 5.63 10.85
C ILE F 228 48.14 5.68 12.12
N SER F 229 48.17 6.79 12.85
CA SER F 229 47.30 6.92 14.02
C SER F 229 45.83 6.87 13.62
N ILE F 230 45.48 7.61 12.56
CA ILE F 230 44.10 7.61 12.08
C ILE F 230 43.70 6.21 11.60
N PHE F 231 44.58 5.54 10.87
CA PHE F 231 44.27 4.20 10.37
C PHE F 231 44.09 3.22 11.53
N THR F 232 44.94 3.30 12.55
CA THR F 232 44.80 2.42 13.70
C THR F 232 43.49 2.68 14.44
N ALA F 233 43.11 3.95 14.59
CA ALA F 233 41.84 4.27 15.22
C ALA F 233 40.68 3.67 14.44
N ILE F 234 40.70 3.82 13.12
CA ILE F 234 39.63 3.27 12.29
C ILE F 234 39.58 1.75 12.42
N LEU F 235 40.74 1.10 12.39
CA LEU F 235 40.80 -0.35 12.47
C LEU F 235 40.24 -0.86 13.80
N VAL F 236 40.66 -0.24 14.90
CA VAL F 236 40.18 -0.72 16.21
C VAL F 236 38.69 -0.45 16.35
N THR F 237 38.21 0.69 15.83
CA THR F 237 36.78 0.98 15.92
C THR F 237 35.95 -0.03 15.13
N ILE F 238 36.38 -0.35 13.90
CA ILE F 238 35.60 -1.30 13.11
C ILE F 238 35.67 -2.70 13.71
N VAL F 239 36.83 -3.07 14.26
CA VAL F 239 36.94 -4.38 14.90
C VAL F 239 36.02 -4.48 16.12
N ILE F 240 35.98 -3.42 16.94
CA ILE F 240 35.11 -3.43 18.10
C ILE F 240 33.64 -3.47 17.68
N LEU F 241 33.26 -2.65 16.70
CA LEU F 241 31.86 -2.58 16.31
C LEU F 241 31.38 -3.88 15.66
N TYR F 242 32.25 -4.54 14.90
CA TYR F 242 31.87 -5.82 14.30
C TYR F 242 32.04 -7.00 15.23
N ALA F 243 32.54 -6.79 16.45
CA ALA F 243 32.68 -7.87 17.40
C ALA F 243 31.48 -8.01 18.32
N ARG F 244 30.90 -6.89 18.77
CA ARG F 244 29.82 -6.95 19.74
C ARG F 244 28.46 -7.31 19.11
N ILE F 245 28.34 -7.27 17.79
CA ILE F 245 27.10 -7.74 17.17
C ILE F 245 26.95 -9.24 17.40
N TYR F 246 28.05 -9.99 17.29
CA TYR F 246 28.01 -11.43 17.55
C TYR F 246 27.64 -11.72 19.00
N PHE F 247 28.23 -10.99 19.95
CA PHE F 247 27.88 -11.17 21.35
C PHE F 247 26.42 -10.82 21.61
N LEU F 248 25.92 -9.75 20.99
CA LEU F 248 24.53 -9.37 21.18
C LEU F 248 23.58 -10.41 20.62
N VAL F 249 23.90 -10.99 19.46
CA VAL F 249 23.07 -12.05 18.89
C VAL F 249 23.10 -13.28 19.78
N LYS F 250 24.28 -13.62 20.32
CA LYS F 250 24.36 -14.76 21.22
C LYS F 250 23.54 -14.54 22.49
N SER F 251 23.59 -13.32 23.05
CA SER F 251 22.89 -13.06 24.29
C SER F 251 21.38 -12.95 24.08
N SER F 252 20.96 -12.41 22.93
CA SER F 252 19.53 -12.26 22.67
C SER F 252 18.85 -13.62 22.51
N SER F 253 19.56 -14.59 21.93
CA SER F 253 19.00 -15.93 21.74
C SER F 253 19.00 -16.76 23.01
N ARG F 254 19.69 -16.31 24.06
CA ARG F 254 19.76 -17.09 25.30
C ARG F 254 18.40 -17.15 25.99
N LYS F 255 17.76 -16.00 26.19
CA LYS F 255 16.48 -15.97 26.88
C LYS F 255 15.37 -16.57 26.03
N VAL F 256 15.36 -16.26 24.73
CA VAL F 256 14.29 -16.72 23.85
C VAL F 256 14.39 -18.21 23.57
N ALA F 257 15.59 -18.79 23.70
CA ALA F 257 15.81 -20.22 23.51
C ALA F 257 15.37 -20.68 22.13
N ASN F 258 16.06 -20.16 21.12
CA ASN F 258 15.82 -20.56 19.74
C ASN F 258 16.38 -21.96 19.51
N HIS F 259 15.53 -22.86 19.02
CA HIS F 259 15.97 -24.23 18.76
C HIS F 259 16.91 -24.33 17.57
N ASN F 260 16.94 -23.31 16.72
CA ASN F 260 17.80 -23.29 15.54
C ASN F 260 18.91 -22.23 15.65
N ASN F 261 19.27 -21.84 16.87
CA ASN F 261 20.28 -20.79 17.04
C ASN F 261 21.64 -21.24 16.55
N SER F 262 22.02 -22.49 16.82
CA SER F 262 23.34 -22.97 16.40
C SER F 262 23.39 -23.24 14.90
N GLU F 263 22.24 -23.54 14.29
CA GLU F 263 22.23 -23.86 12.86
C GLU F 263 22.56 -22.64 12.01
N ARG F 264 21.89 -21.52 12.27
CA ARG F 264 22.04 -20.32 11.46
C ARG F 264 22.56 -19.13 12.24
N SER F 265 22.00 -18.85 13.42
CA SER F 265 22.37 -17.65 14.16
C SER F 265 23.80 -17.69 14.70
N MET F 266 24.43 -18.86 14.75
CA MET F 266 25.78 -19.00 15.26
C MET F 266 26.82 -19.29 14.20
N ALA F 267 26.50 -20.13 13.22
CA ALA F 267 27.49 -20.51 12.20
C ALA F 267 27.52 -19.53 11.03
N LEU F 268 26.37 -19.02 10.60
CA LEU F 268 26.34 -18.12 9.46
C LEU F 268 26.94 -16.76 9.81
N LEU F 269 26.70 -16.27 11.03
CA LEU F 269 27.16 -14.94 11.40
C LEU F 269 28.68 -14.85 11.36
N ARG F 270 29.36 -15.80 12.03
CA ARG F 270 30.82 -15.78 12.07
C ARG F 270 31.42 -15.87 10.68
N THR F 271 30.71 -16.51 9.73
CA THR F 271 31.18 -16.55 8.36
C THR F 271 31.18 -15.16 7.72
N VAL F 272 30.16 -14.35 8.01
CA VAL F 272 30.04 -13.03 7.40
C VAL F 272 30.74 -11.94 8.21
N VAL F 273 31.24 -12.25 9.40
CA VAL F 273 32.06 -11.30 10.14
C VAL F 273 33.52 -11.58 9.80
N ILE F 274 33.75 -12.28 8.69
CA ILE F 274 35.11 -12.47 8.17
C ILE F 274 35.55 -11.31 7.29
N VAL F 275 34.67 -10.34 7.03
CA VAL F 275 35.06 -9.16 6.28
C VAL F 275 36.11 -8.36 7.03
N VAL F 276 36.08 -8.39 8.37
CA VAL F 276 37.11 -7.73 9.16
C VAL F 276 38.48 -8.29 8.82
N SER F 277 38.58 -9.63 8.78
CA SER F 277 39.84 -10.26 8.43
C SER F 277 40.25 -9.96 7.00
N VAL F 278 39.30 -10.07 6.06
CA VAL F 278 39.65 -9.85 4.65
C VAL F 278 40.04 -8.39 4.40
N PHE F 279 39.63 -7.47 5.27
CA PHE F 279 40.04 -6.07 5.16
C PHE F 279 41.40 -5.84 5.82
N ILE F 280 41.58 -6.34 7.04
CA ILE F 280 42.80 -6.05 7.78
C ILE F 280 44.01 -6.75 7.15
N ALA F 281 43.84 -8.00 6.72
CA ALA F 281 44.98 -8.74 6.20
C ALA F 281 45.53 -8.14 4.91
N CYS F 282 44.75 -7.31 4.23
CA CYS F 282 45.20 -6.67 3.00
C CYS F 282 45.45 -5.18 3.14
N TRP F 283 44.97 -4.53 4.21
CA TRP F 283 45.31 -3.13 4.43
C TRP F 283 46.45 -2.94 5.42
N SER F 284 46.78 -3.95 6.22
CA SER F 284 47.92 -3.83 7.14
C SER F 284 49.26 -3.66 6.43
N PRO F 285 49.60 -4.42 5.38
CA PRO F 285 50.97 -4.33 4.84
C PRO F 285 51.40 -2.92 4.45
N LEU F 286 50.51 -2.12 3.88
CA LEU F 286 50.90 -0.77 3.48
C LEU F 286 51.32 0.06 4.68
N PHE F 287 50.56 -0.01 5.78
CA PHE F 287 50.88 0.81 6.93
C PHE F 287 52.06 0.26 7.74
N ILE F 288 52.23 -1.06 7.79
CA ILE F 288 53.45 -1.57 8.42
C ILE F 288 54.66 -1.19 7.59
N LEU F 289 54.53 -1.14 6.26
CA LEU F 289 55.60 -0.64 5.41
C LEU F 289 55.87 0.84 5.68
N PHE F 290 54.82 1.63 5.87
CA PHE F 290 55.01 3.03 6.23
C PHE F 290 55.76 3.17 7.53
N LEU F 291 55.40 2.36 8.53
CA LEU F 291 56.06 2.41 9.83
C LEU F 291 57.52 2.01 9.72
N ILE F 292 57.82 0.97 8.94
CA ILE F 292 59.20 0.52 8.81
C ILE F 292 60.01 1.50 7.96
N ASP F 293 59.37 2.25 7.07
CA ASP F 293 60.09 3.27 6.31
C ASP F 293 60.38 4.49 7.18
N VAL F 294 59.46 4.86 8.05
CA VAL F 294 59.73 5.91 9.02
C VAL F 294 60.84 5.49 9.98
N ALA F 295 60.80 4.23 10.40
CA ALA F 295 61.83 3.72 11.32
C ALA F 295 63.21 3.71 10.66
N CYS F 296 63.28 3.23 9.42
CA CYS F 296 64.57 3.15 8.73
C CYS F 296 64.87 4.46 7.99
N VAL F 298 70.30 5.32 7.59
CA VAL F 298 68.92 5.39 7.11
C VAL F 298 68.90 5.76 5.63
N GLN F 299 70.04 6.27 5.13
CA GLN F 299 70.12 6.64 3.73
C GLN F 299 70.03 5.43 2.81
N ALA F 300 70.68 4.33 3.20
CA ALA F 300 70.72 3.10 2.40
C ALA F 300 69.99 2.01 3.18
N CYS F 301 68.68 1.89 2.93
CA CYS F 301 67.86 0.85 3.53
C CYS F 301 67.24 0.03 2.40
N PRO F 302 67.76 -1.17 2.12
CA PRO F 302 67.31 -1.90 0.92
C PRO F 302 65.82 -2.18 0.89
N ILE F 303 65.21 -2.47 2.05
CA ILE F 303 63.77 -2.74 2.07
C ILE F 303 62.95 -1.46 1.93
N LEU F 304 63.55 -0.31 2.23
CA LEU F 304 62.85 0.96 2.09
C LEU F 304 62.55 1.28 0.63
N PHE F 305 63.50 1.03 -0.27
CA PHE F 305 63.35 1.44 -1.66
C PHE F 305 62.23 0.65 -2.34
N LYS F 306 62.22 -0.67 -2.18
CA LYS F 306 61.25 -1.53 -2.85
C LYS F 306 59.91 -1.40 -2.14
N ALA F 307 59.15 -0.38 -2.53
CA ALA F 307 57.83 -0.14 -1.96
C ALA F 307 56.74 0.03 -3.01
N GLN F 308 57.08 0.00 -4.30
CA GLN F 308 56.08 0.20 -5.34
C GLN F 308 55.12 -0.96 -5.48
N TRP F 309 55.49 -2.15 -5.01
CA TRP F 309 54.65 -3.33 -5.21
C TRP F 309 53.53 -3.40 -4.18
N PHE F 310 53.86 -3.23 -2.89
CA PHE F 310 52.88 -3.44 -1.83
C PHE F 310 51.74 -2.44 -1.93
N ILE F 311 52.01 -1.19 -2.29
CA ILE F 311 50.93 -0.22 -2.46
C ILE F 311 49.94 -0.71 -3.51
N VAL F 312 50.43 -1.45 -4.52
CA VAL F 312 49.53 -2.06 -5.50
C VAL F 312 48.49 -2.90 -4.80
N LEU F 313 48.93 -3.76 -3.88
CA LEU F 313 47.99 -4.60 -3.12
C LEU F 313 46.93 -3.74 -2.46
N ALA F 314 47.32 -2.55 -1.99
CA ALA F 314 46.36 -1.65 -1.37
C ALA F 314 45.21 -1.34 -2.32
N VAL F 315 45.53 -0.90 -3.54
CA VAL F 315 44.46 -0.60 -4.48
C VAL F 315 43.76 -1.87 -4.90
N LEU F 316 44.42 -3.03 -4.75
CA LEU F 316 43.77 -4.30 -5.04
C LEU F 316 42.58 -4.54 -4.11
N ASN F 317 42.60 -3.95 -2.92
CA ASN F 317 41.43 -4.04 -2.04
C ASN F 317 40.19 -3.43 -2.69
N SER F 318 40.39 -2.40 -3.52
CA SER F 318 39.28 -1.82 -4.26
C SER F 318 38.62 -2.83 -5.18
N ALA F 319 39.35 -3.88 -5.57
CA ALA F 319 38.77 -4.93 -6.39
C ALA F 319 37.89 -5.89 -5.61
N MET F 320 38.02 -5.91 -4.27
CA MET F 320 37.34 -6.91 -3.46
C MET F 320 36.39 -6.32 -2.43
N ASN F 321 36.62 -5.10 -1.97
CA ASN F 321 35.74 -4.50 -0.96
C ASN F 321 34.28 -4.38 -1.41
N PRO F 322 33.95 -3.91 -2.62
CA PRO F 322 32.53 -3.78 -2.96
C PRO F 322 31.79 -5.10 -3.07
N VAL F 323 32.41 -6.10 -3.70
CA VAL F 323 31.69 -7.35 -3.99
C VAL F 323 31.22 -8.02 -2.70
N ILE F 324 32.11 -8.10 -1.69
CA ILE F 324 31.73 -8.74 -0.44
C ILE F 324 30.60 -7.99 0.26
N TYR F 325 30.39 -6.72 -0.09
CA TYR F 325 29.28 -5.96 0.47
C TYR F 325 28.04 -5.96 -0.43
N THR F 326 28.11 -6.55 -1.62
CA THR F 326 27.01 -6.47 -2.56
C THR F 326 26.57 -7.83 -3.08
N LEU F 327 27.52 -8.76 -3.21
CA LEU F 327 27.21 -10.05 -3.80
C LEU F 327 26.29 -10.89 -2.91
N ALA F 328 26.18 -10.56 -1.63
CA ALA F 328 25.32 -11.31 -0.73
C ALA F 328 23.84 -11.05 -0.95
N SER F 329 23.48 -10.00 -1.69
CA SER F 329 22.08 -9.68 -1.93
C SER F 329 21.45 -10.65 -2.93
C11 A1L69 G . 52.45 6.61 -3.13
C14 A1L69 G . 54.21 6.94 -5.59
C15 A1L69 G . 54.84 7.71 -6.79
C16 A1L69 G . 56.40 7.48 -7.03
C01 A1L69 G . 44.75 7.30 6.58
C02 A1L69 G . 44.69 6.69 5.19
C03 A1L69 G . 45.86 7.09 4.29
C04 A1L69 G . 45.97 6.24 3.01
C05 A1L69 G . 47.10 6.71 2.06
C06 A1L69 G . 47.60 5.64 1.07
C07 A1L69 G . 49.11 5.75 0.74
C08 A1L69 G . 49.44 5.89 -0.76
C09 A1L69 G . 50.95 5.85 -1.11
C10 A1L69 G . 51.49 7.01 -1.98
C12 A1L69 G . 53.81 7.26 -3.10
C13 A1L69 G . 54.57 7.40 -4.20
N22 A1L69 G . 54.05 7.43 -8.00
O17 A1L69 G . 56.55 6.27 -7.59
O19 A1L69 G . 58.06 4.26 -8.28
O20 A1L69 G . 57.99 6.37 -9.75
O21 A1L69 G . 59.12 6.47 -7.46
O23 A1L69 G . 54.48 5.57 -5.63
P18 A1L69 G . 58.15 5.77 -8.37
#